data_5K2Z
#
_entry.id   5K2Z
#
_cell.length_a   178.460
_cell.length_b   178.460
_cell.length_c   115.810
_cell.angle_alpha   90.000
_cell.angle_beta   90.000
_cell.angle_gamma   120.000
#
_symmetry.space_group_name_H-M   'H 3'
#
loop_
_entity.id
_entity.type
_entity.pdbx_description
1 polymer "Pyridoxal 5'-phosphate synthase subunit PDX1.3"
2 non-polymer 'CHLORIDE ION'
3 non-polymer 'SULFATE ION'
4 non-polymer 2-azanylpenta-1,4-dien-3-one
5 non-polymer 1,2-ETHANEDIOL
6 water water
#
_entity_poly.entity_id   1
_entity_poly.type   'polypeptide(L)'
_entity_poly.pdbx_seq_one_letter_code
;MEGTGVVAVYGNGAITEAKKSPFSVKVGLAQMLRGGVIMDVVNAEQARIAEEAGACAVMALERVPADIRAQGGVARMSDP
QMIKEIKQAVTIPVMAKARIGHFVEAQILEAIGIDYIDESEVLTLADEDHHINKHNFRIPFVCGCRNLGEALRRIREGAA
MIRTKGEAGTGNIIEAVRHVRSVNGDIRVLRNMDDDEVFTFAKKLAAPYDLVMQTKQLGRLPVVQFAAGGVATPADAALM
MQLGCDGVFVGSGIFKSGDPARRARAIVQAVTHYSDPEMLVEVSCGLGEAMVGINLNDEKVERFANRSEHHHHHH
;
_entity_poly.pdbx_strand_id   A,B,C,D
#
# COMPACT_ATOMS: atom_id res chain seq x y z
N SER A 21 -36.91 8.12 -12.57
CA SER A 21 -36.98 9.54 -13.10
C SER A 21 -36.01 9.77 -14.28
N PRO A 22 -36.32 10.73 -15.17
CA PRO A 22 -35.36 10.96 -16.25
C PRO A 22 -33.98 11.41 -15.74
N PHE A 23 -33.90 12.19 -14.65
CA PHE A 23 -32.59 12.58 -14.09
C PHE A 23 -31.77 11.37 -13.61
N SER A 24 -32.40 10.46 -12.86
CA SER A 24 -31.73 9.24 -12.37
C SER A 24 -31.20 8.37 -13.49
N VAL A 25 -31.88 8.38 -14.65
CA VAL A 25 -31.38 7.67 -15.85
C VAL A 25 -30.09 8.29 -16.37
N LYS A 26 -30.04 9.63 -16.43
CA LYS A 26 -28.83 10.32 -16.90
C LYS A 26 -27.67 10.03 -15.92
N VAL A 27 -27.99 10.10 -14.63
CA VAL A 27 -26.99 9.88 -13.59
C VAL A 27 -26.44 8.45 -13.70
N GLY A 28 -27.34 7.50 -13.96
CA GLY A 28 -26.98 6.10 -14.19
C GLY A 28 -26.08 5.85 -15.37
N LEU A 29 -26.38 6.51 -16.49
CA LEU A 29 -25.47 6.41 -17.64
C LEU A 29 -24.04 6.84 -17.38
N ALA A 30 -23.85 7.96 -16.68
CA ALA A 30 -22.52 8.48 -16.43
C ALA A 30 -21.68 7.48 -15.62
N GLN A 31 -22.34 6.63 -14.82
CA GLN A 31 -21.63 5.63 -13.98
C GLN A 31 -20.73 4.69 -14.80
N MET A 32 -21.06 4.50 -16.08
CA MET A 32 -20.19 3.77 -17.00
C MET A 32 -18.81 4.29 -17.20
N LEU A 33 -18.62 5.58 -16.94
CA LEU A 33 -17.36 6.23 -17.17
C LEU A 33 -16.39 6.06 -16.01
N ARG A 34 -16.87 5.53 -14.88
CA ARG A 34 -16.05 5.35 -13.67
C ARG A 34 -14.80 4.53 -14.00
N GLY A 35 -13.65 4.98 -13.52
CA GLY A 35 -12.37 4.36 -13.80
C GLY A 35 -11.74 4.81 -15.10
N GLY A 36 -12.31 5.82 -15.75
CA GLY A 36 -11.85 6.23 -17.08
C GLY A 36 -11.12 7.56 -17.15
N VAL A 37 -10.55 7.79 -18.33
CA VAL A 37 -9.94 9.05 -18.72
C VAL A 37 -10.71 9.61 -19.92
N ILE A 38 -11.16 10.86 -19.79
CA ILE A 38 -11.82 11.58 -20.88
C ILE A 38 -10.79 12.52 -21.47
N MET A 39 -10.60 12.46 -22.78
CA MET A 39 -9.55 13.23 -23.44
C MET A 39 -10.13 14.29 -24.36
N ASP A 40 -9.69 15.55 -24.16
CA ASP A 40 -10.06 16.65 -25.05
C ASP A 40 -9.41 16.42 -26.41
N VAL A 41 -10.20 16.59 -27.46
CA VAL A 41 -9.71 16.42 -28.84
C VAL A 41 -10.27 17.56 -29.70
N VAL A 42 -9.47 18.03 -30.65
CA VAL A 42 -9.87 19.14 -31.53
C VAL A 42 -10.15 18.70 -32.96
N ASN A 43 -9.78 17.47 -33.31
CA ASN A 43 -10.09 16.90 -34.62
C ASN A 43 -10.18 15.38 -34.56
N ALA A 44 -10.49 14.74 -35.69
CA ALA A 44 -10.69 13.29 -35.75
C ALA A 44 -9.44 12.46 -35.53
N GLU A 45 -8.27 13.04 -35.84
CA GLU A 45 -7.00 12.37 -35.59
C GLU A 45 -6.77 12.23 -34.07
N GLN A 46 -6.87 13.34 -33.35
CA GLN A 46 -6.77 13.31 -31.89
C GLN A 46 -7.79 12.31 -31.29
N ALA A 47 -9.03 12.29 -31.80
CA ALA A 47 -10.08 11.35 -31.34
C ALA A 47 -9.70 9.88 -31.46
N ARG A 48 -9.10 9.51 -32.58
CA ARG A 48 -8.69 8.11 -32.78
C ARG A 48 -7.51 7.72 -31.90
N ILE A 49 -6.54 8.61 -31.75
CA ILE A 49 -5.45 8.42 -30.79
C ILE A 49 -6.02 8.16 -29.38
N ALA A 50 -6.98 8.99 -28.96
CA ALA A 50 -7.63 8.82 -27.65
C ALA A 50 -8.33 7.47 -27.50
N GLU A 51 -9.11 7.07 -28.51
CA GLU A 51 -9.77 5.77 -28.42
C GLU A 51 -8.76 4.61 -28.37
N GLU A 52 -7.73 4.69 -29.19
CA GLU A 52 -6.69 3.64 -29.27
C GLU A 52 -5.94 3.50 -27.94
N ALA A 53 -5.73 4.63 -27.24
CA ALA A 53 -5.06 4.63 -25.94
C ALA A 53 -5.95 4.10 -24.79
N GLY A 54 -7.24 3.92 -25.03
CA GLY A 54 -8.16 3.41 -24.01
C GLY A 54 -8.98 4.45 -23.27
N ALA A 55 -9.12 5.63 -23.83
CA ALA A 55 -10.02 6.66 -23.27
C ALA A 55 -11.43 6.13 -23.13
N CYS A 56 -12.14 6.51 -22.06
CA CYS A 56 -13.54 6.10 -21.90
C CYS A 56 -14.46 7.00 -22.71
N ALA A 57 -13.99 8.19 -23.09
CA ALA A 57 -14.76 9.13 -23.92
C ALA A 57 -13.84 10.21 -24.45
N VAL A 58 -14.31 10.88 -25.51
CA VAL A 58 -13.60 12.06 -26.05
C VAL A 58 -14.46 13.30 -25.87
N MET A 59 -13.79 14.45 -25.78
CA MET A 59 -14.41 15.75 -25.56
C MET A 59 -14.01 16.62 -26.74
N ALA A 60 -14.97 16.90 -27.62
CA ALA A 60 -14.74 17.71 -28.81
C ALA A 60 -14.75 19.19 -28.42
N LEU A 61 -13.67 19.90 -28.74
CA LEU A 61 -13.63 21.34 -28.49
C LEU A 61 -12.76 22.05 -29.52
N GLU A 62 -12.91 23.37 -29.58
CA GLU A 62 -12.26 24.19 -30.65
C GLU A 62 -10.74 24.20 -30.52
N ARG A 63 -10.27 24.37 -29.29
CA ARG A 63 -8.84 24.49 -28.99
C ARG A 63 -8.63 23.91 -27.59
N VAL A 64 -7.50 23.24 -27.36
CA VAL A 64 -7.20 22.71 -26.02
C VAL A 64 -7.02 23.89 -25.05
N PRO A 65 -7.32 23.71 -23.75
CA PRO A 65 -7.27 24.83 -22.81
C PRO A 65 -5.94 25.62 -22.80
N ALA A 66 -4.80 24.94 -22.94
CA ALA A 66 -3.49 25.64 -23.02
C ALA A 66 -3.41 26.64 -24.18
N ASP A 67 -4.01 26.30 -25.33
CA ASP A 67 -4.08 27.20 -26.48
C ASP A 67 -5.06 28.36 -26.28
N ILE A 68 -6.20 28.09 -25.62
CA ILE A 68 -7.18 29.15 -25.26
C ILE A 68 -6.48 30.17 -24.35
N ARG A 69 -5.75 29.66 -23.36
CA ARG A 69 -5.00 30.51 -22.42
C ARG A 69 -3.96 31.37 -23.15
N ALA A 70 -3.12 30.72 -23.94
CA ALA A 70 -2.02 31.38 -24.65
C ALA A 70 -2.50 32.40 -25.71
N GLN A 71 -3.56 32.07 -26.44
CA GLN A 71 -3.99 32.87 -27.59
C GLN A 71 -5.10 33.86 -27.28
N GLY A 72 -5.92 33.57 -26.26
CA GLY A 72 -7.09 34.40 -25.96
C GLY A 72 -8.12 34.27 -27.05
N GLY A 73 -8.93 35.34 -27.22
CA GLY A 73 -10.04 35.34 -28.18
C GLY A 73 -11.28 34.78 -27.49
N VAL A 74 -12.43 34.90 -28.12
CA VAL A 74 -13.67 34.34 -27.60
C VAL A 74 -13.69 32.87 -27.99
N ALA A 75 -13.84 31.99 -26.99
CA ALA A 75 -13.91 30.54 -27.23
C ALA A 75 -15.35 30.09 -27.14
N ARG A 76 -15.83 29.46 -28.21
CA ARG A 76 -17.22 29.05 -28.36
C ARG A 76 -17.34 27.55 -28.61
N MET A 77 -18.57 27.08 -28.68
CA MET A 77 -18.91 25.73 -29.14
C MET A 77 -18.18 25.50 -30.48
N SER A 78 -17.70 24.28 -30.68
CA SER A 78 -17.07 23.90 -31.95
C SER A 78 -18.07 23.87 -33.08
N ASP A 79 -17.57 24.08 -34.30
CA ASP A 79 -18.38 23.94 -35.50
C ASP A 79 -19.01 22.56 -35.51
N PRO A 80 -20.34 22.45 -35.70
CA PRO A 80 -20.99 21.14 -35.78
C PRO A 80 -20.34 20.16 -36.76
N GLN A 81 -19.75 20.66 -37.84
CA GLN A 81 -19.07 19.78 -38.80
C GLN A 81 -17.90 19.02 -38.15
N MET A 82 -17.07 19.72 -37.39
CA MET A 82 -15.94 19.09 -36.72
CA MET A 82 -15.95 19.09 -36.72
C MET A 82 -16.42 18.07 -35.69
N ILE A 83 -17.52 18.38 -35.01
CA ILE A 83 -18.08 17.46 -34.03
C ILE A 83 -18.60 16.18 -34.72
N LYS A 84 -19.29 16.35 -35.85
CA LYS A 84 -19.77 15.20 -36.63
C LYS A 84 -18.60 14.31 -37.08
N GLU A 85 -17.52 14.93 -37.54
CA GLU A 85 -16.31 14.17 -37.92
C GLU A 85 -15.72 13.34 -36.77
N ILE A 86 -15.67 13.93 -35.58
CA ILE A 86 -15.21 13.20 -34.39
C ILE A 86 -16.18 12.08 -34.00
N LYS A 87 -17.48 12.34 -34.02
CA LYS A 87 -18.46 11.33 -33.66
C LYS A 87 -18.39 10.11 -34.60
N GLN A 88 -18.14 10.36 -35.89
CA GLN A 88 -17.98 9.27 -36.89
C GLN A 88 -16.67 8.49 -36.75
N ALA A 89 -15.64 9.13 -36.22
CA ALA A 89 -14.31 8.51 -36.12
C ALA A 89 -14.09 7.58 -34.94
N VAL A 90 -15.03 7.52 -33.98
CA VAL A 90 -14.87 6.69 -32.78
C VAL A 90 -16.18 6.05 -32.39
N THR A 91 -16.10 4.99 -31.61
CA THR A 91 -17.27 4.29 -31.09
C THR A 91 -17.50 4.53 -29.59
N ILE A 92 -16.51 5.10 -28.90
CA ILE A 92 -16.69 5.52 -27.51
C ILE A 92 -17.57 6.79 -27.45
N PRO A 93 -18.16 7.08 -26.28
CA PRO A 93 -18.98 8.31 -26.13
C PRO A 93 -18.27 9.60 -26.52
N VAL A 94 -19.02 10.53 -27.14
CA VAL A 94 -18.49 11.80 -27.58
C VAL A 94 -19.21 12.87 -26.79
N MET A 95 -18.41 13.70 -26.15
CA MET A 95 -18.88 14.83 -25.39
C MET A 95 -18.45 16.07 -26.16
N ALA A 96 -19.12 17.19 -25.92
CA ALA A 96 -18.66 18.45 -26.48
C ALA A 96 -19.01 19.62 -25.57
N LYS A 97 -18.26 20.71 -25.73
CA LYS A 97 -18.36 21.86 -24.82
C LYS A 97 -19.31 22.93 -25.33
N ALA A 98 -20.07 23.49 -24.41
CA ALA A 98 -20.89 24.67 -24.66
C ALA A 98 -20.49 25.72 -23.62
N ARG A 99 -20.64 26.98 -24.01
CA ARG A 99 -20.39 28.09 -23.11
C ARG A 99 -21.39 28.08 -21.98
N ILE A 100 -20.95 28.46 -20.79
CA ILE A 100 -21.82 28.57 -19.64
C ILE A 100 -22.98 29.51 -19.94
N GLY A 101 -24.19 29.04 -19.68
CA GLY A 101 -25.40 29.75 -19.96
C GLY A 101 -25.88 29.76 -21.41
N HIS A 102 -25.12 29.18 -22.33
CA HIS A 102 -25.49 29.27 -23.74
C HIS A 102 -26.34 28.07 -24.10
N PHE A 103 -27.62 28.19 -23.75
CA PHE A 103 -28.55 27.07 -23.91
C PHE A 103 -28.84 26.75 -25.37
N VAL A 104 -28.63 27.69 -26.28
CA VAL A 104 -28.80 27.41 -27.71
C VAL A 104 -27.63 26.61 -28.27
N GLU A 105 -26.41 26.90 -27.84
CA GLU A 105 -25.28 26.05 -28.19
C GLU A 105 -25.59 24.63 -27.74
N ALA A 106 -26.16 24.48 -26.55
CA ALA A 106 -26.48 23.15 -26.03
C ALA A 106 -27.59 22.47 -26.86
N GLN A 107 -28.62 23.21 -27.24
CA GLN A 107 -29.68 22.70 -28.16
C GLN A 107 -29.12 22.16 -29.47
N ILE A 108 -28.17 22.89 -30.03
CA ILE A 108 -27.48 22.49 -31.24
C ILE A 108 -26.70 21.19 -31.02
N LEU A 109 -25.91 21.13 -29.96
CA LEU A 109 -25.13 19.93 -29.66
C LEU A 109 -26.01 18.72 -29.49
N GLU A 110 -27.12 18.87 -28.79
CA GLU A 110 -28.02 17.77 -28.57
C GLU A 110 -28.61 17.31 -29.90
N ALA A 111 -28.94 18.25 -30.77
CA ALA A 111 -29.51 17.94 -32.08
C ALA A 111 -28.49 17.25 -33.01
N ILE A 112 -27.19 17.45 -32.79
CA ILE A 112 -26.14 16.70 -33.51
C ILE A 112 -26.13 15.20 -33.14
N GLY A 113 -26.60 14.85 -31.96
CA GLY A 113 -26.64 13.46 -31.49
C GLY A 113 -25.41 12.99 -30.74
N ILE A 114 -24.74 13.88 -30.02
CA ILE A 114 -23.62 13.47 -29.20
C ILE A 114 -24.15 12.89 -27.88
N ASP A 115 -23.25 12.41 -27.03
CA ASP A 115 -23.63 11.68 -25.83
C ASP A 115 -23.69 12.54 -24.58
N TYR A 116 -22.81 13.52 -24.46
CA TYR A 116 -22.81 14.44 -23.30
C TYR A 116 -22.47 15.87 -23.73
N ILE A 117 -23.02 16.82 -22.98
CA ILE A 117 -22.61 18.23 -23.12
C ILE A 117 -21.86 18.63 -21.87
N ASP A 118 -20.71 19.26 -22.05
CA ASP A 118 -19.95 19.86 -20.95
C ASP A 118 -20.18 21.38 -20.99
N GLU A 119 -20.91 21.87 -20.01
CA GLU A 119 -21.14 23.30 -19.86
C GLU A 119 -19.88 23.81 -19.21
N SER A 120 -18.98 24.35 -20.02
CA SER A 120 -17.58 24.45 -19.63
C SER A 120 -17.03 25.85 -19.37
N GLU A 121 -16.44 26.02 -18.20
CA GLU A 121 -15.74 27.25 -17.86
C GLU A 121 -14.47 27.55 -18.65
N VAL A 122 -13.94 26.62 -19.45
CA VAL A 122 -12.76 26.98 -20.27
C VAL A 122 -13.17 27.77 -21.50
N LEU A 123 -14.41 27.59 -21.94
CA LEU A 123 -14.97 28.45 -23.00
C LEU A 123 -15.32 29.80 -22.39
N THR A 124 -15.57 30.79 -23.24
CA THR A 124 -15.87 32.13 -22.79
C THR A 124 -17.29 32.15 -22.23
N LEU A 125 -17.42 32.56 -20.99
CA LEU A 125 -18.72 32.66 -20.30
C LEU A 125 -19.74 33.45 -21.19
N ALA A 126 -20.94 32.90 -21.39
CA ALA A 126 -22.00 33.60 -22.11
C ALA A 126 -23.02 34.25 -21.19
N ASP A 127 -23.19 33.71 -19.98
CA ASP A 127 -24.12 34.25 -19.01
C ASP A 127 -23.40 34.24 -17.68
N GLU A 128 -23.11 35.44 -17.15
CA GLU A 128 -22.40 35.55 -15.89
C GLU A 128 -23.23 35.19 -14.67
N ASP A 129 -24.55 35.25 -14.78
CA ASP A 129 -25.42 35.04 -13.61
C ASP A 129 -26.19 33.72 -13.58
N HIS A 130 -26.34 33.05 -14.71
CA HIS A 130 -27.19 31.86 -14.79
C HIS A 130 -26.53 30.79 -15.65
N HIS A 131 -26.56 29.56 -15.19
CA HIS A 131 -26.19 28.42 -15.98
C HIS A 131 -27.40 27.90 -16.79
N ILE A 132 -27.12 27.00 -17.71
CA ILE A 132 -28.14 26.33 -18.48
C ILE A 132 -29.06 25.54 -17.56
N ASN A 133 -30.35 25.61 -17.83
CA ASN A 133 -31.32 24.76 -17.15
C ASN A 133 -31.22 23.38 -17.84
N LYS A 134 -30.41 22.52 -17.25
CA LYS A 134 -30.01 21.26 -17.87
C LYS A 134 -31.13 20.22 -17.82
N HIS A 135 -32.09 20.40 -16.93
CA HIS A 135 -33.28 19.55 -16.89
C HIS A 135 -34.16 19.66 -18.15
N ASN A 136 -34.00 20.72 -18.95
CA ASN A 136 -34.73 20.87 -20.21
C ASN A 136 -34.18 20.02 -21.36
N PHE A 137 -33.13 19.24 -21.11
CA PHE A 137 -32.48 18.46 -22.15
C PHE A 137 -32.62 16.98 -21.88
N ARG A 138 -32.55 16.18 -22.93
CA ARG A 138 -32.55 14.72 -22.78
C ARG A 138 -31.14 14.17 -22.56
N ILE A 139 -30.18 14.79 -23.23
CA ILE A 139 -28.75 14.47 -23.12
C ILE A 139 -28.17 14.84 -21.72
N PRO A 140 -27.30 13.98 -21.13
CA PRO A 140 -26.66 14.34 -19.86
C PRO A 140 -25.62 15.45 -19.99
N PHE A 141 -25.48 16.22 -18.92
CA PHE A 141 -24.48 17.29 -18.87
C PHE A 141 -23.41 16.97 -17.81
N VAL A 142 -22.20 17.43 -18.13
CA VAL A 142 -21.11 17.60 -17.17
C VAL A 142 -20.99 19.10 -16.87
N CYS A 143 -20.80 19.44 -15.61
CA CYS A 143 -20.43 20.82 -15.19
C CYS A 143 -19.22 20.79 -14.29
N GLY A 144 -18.51 21.91 -14.26
CA GLY A 144 -17.36 22.11 -13.40
C GLY A 144 -17.75 22.53 -12.00
N CYS A 145 -16.83 22.39 -11.06
CA CYS A 145 -16.98 22.98 -9.75
C CYS A 145 -15.61 23.16 -9.09
N ARG A 146 -15.58 23.99 -8.07
CA ARG A 146 -14.39 24.21 -7.23
C ARG A 146 -14.63 23.89 -5.78
N ASN A 147 -15.90 23.72 -5.41
CA ASN A 147 -16.24 23.42 -4.04
C ASN A 147 -17.59 22.69 -4.03
N LEU A 148 -17.97 22.18 -2.87
CA LEU A 148 -19.15 21.35 -2.74
C LEU A 148 -20.43 22.11 -3.04
N GLY A 149 -20.51 23.35 -2.55
CA GLY A 149 -21.70 24.18 -2.79
C GLY A 149 -21.97 24.32 -4.28
N GLU A 150 -20.91 24.64 -5.01
CA GLU A 150 -21.00 24.78 -6.45
C GLU A 150 -21.41 23.47 -7.15
N ALA A 151 -20.82 22.36 -6.74
CA ALA A 151 -21.22 21.03 -7.29
C ALA A 151 -22.69 20.76 -7.10
N LEU A 152 -23.18 21.00 -5.91
CA LEU A 152 -24.57 20.74 -5.62
C LEU A 152 -25.53 21.67 -6.38
N ARG A 153 -25.12 22.94 -6.56
CA ARG A 153 -25.90 23.86 -7.39
C ARG A 153 -25.98 23.36 -8.84
N ARG A 154 -24.85 22.90 -9.40
CA ARG A 154 -24.84 22.40 -10.75
C ARG A 154 -25.73 21.15 -10.89
N ILE A 155 -25.67 20.26 -9.90
CA ILE A 155 -26.50 19.07 -9.89
C ILE A 155 -27.97 19.44 -9.82
N ARG A 156 -28.34 20.41 -8.97
CA ARG A 156 -29.74 20.82 -8.92
C ARG A 156 -30.27 21.38 -10.23
N GLU A 157 -29.42 22.09 -10.96
CA GLU A 157 -29.75 22.59 -12.30
C GLU A 157 -29.86 21.46 -13.34
N GLY A 158 -29.37 20.27 -12.98
CA GLY A 158 -29.51 19.07 -13.80
C GLY A 158 -28.23 18.44 -14.31
N ALA A 159 -27.07 18.87 -13.81
CA ALA A 159 -25.83 18.19 -14.19
C ALA A 159 -25.89 16.73 -13.73
N ALA A 160 -25.53 15.80 -14.62
CA ALA A 160 -25.50 14.36 -14.31
C ALA A 160 -24.09 13.86 -13.91
N MET A 161 -23.12 14.75 -14.01
CA MET A 161 -21.74 14.45 -13.73
C MET A 161 -21.01 15.75 -13.36
N ILE A 162 -20.04 15.67 -12.47
CA ILE A 162 -19.27 16.84 -12.01
C ILE A 162 -17.79 16.65 -12.29
N ARG A 163 -17.19 17.73 -12.78
CA ARG A 163 -15.76 17.83 -13.03
C ARG A 163 -15.21 18.80 -11.96
N THR A 164 -14.40 18.31 -11.04
CA THR A 164 -13.80 19.16 -10.02
C THR A 164 -12.54 19.70 -10.60
N LYS A 165 -12.55 21.03 -10.81
CA LYS A 165 -11.64 21.68 -11.72
C LYS A 165 -10.57 22.52 -11.03
N GLY A 166 -9.32 22.33 -11.45
CA GLY A 166 -8.20 23.16 -11.02
C GLY A 166 -7.93 24.25 -12.02
N GLU A 167 -6.66 24.40 -12.40
CA GLU A 167 -6.23 25.42 -13.38
C GLU A 167 -6.36 24.78 -14.73
N ALA A 168 -6.84 25.56 -15.68
CA ALA A 168 -6.96 25.12 -17.06
C ALA A 168 -5.75 25.59 -17.86
N GLY A 169 -5.10 24.66 -18.53
CA GLY A 169 -4.06 24.99 -19.51
C GLY A 169 -2.69 25.35 -18.98
N THR A 170 -2.37 24.96 -17.75
CA THR A 170 -1.07 25.26 -17.12
C THR A 170 -0.18 24.06 -16.84
N GLY A 171 -0.76 22.86 -16.82
CA GLY A 171 -0.03 21.66 -16.46
C GLY A 171 0.34 21.60 -14.99
N ASN A 172 -0.28 22.45 -14.17
CA ASN A 172 0.01 22.50 -12.75
C ASN A 172 -1.19 21.95 -11.98
N ILE A 173 -0.96 20.85 -11.28
CA ILE A 173 -2.03 20.11 -10.59
C ILE A 173 -2.49 20.74 -9.27
N ILE A 174 -1.82 21.81 -8.82
CA ILE A 174 -2.08 22.37 -7.48
C ILE A 174 -3.53 22.72 -7.18
N GLU A 175 -4.21 23.37 -8.12
CA GLU A 175 -5.58 23.82 -7.85
C GLU A 175 -6.57 22.65 -7.92
N ALA A 176 -6.32 21.68 -8.80
CA ALA A 176 -7.10 20.43 -8.81
C ALA A 176 -7.02 19.71 -7.48
N VAL A 177 -5.78 19.59 -6.95
CA VAL A 177 -5.63 19.00 -5.61
C VAL A 177 -6.43 19.80 -4.58
N ARG A 178 -6.33 21.13 -4.64
CA ARG A 178 -7.01 21.99 -3.67
C ARG A 178 -8.53 21.76 -3.73
N HIS A 179 -9.06 21.74 -4.94
CA HIS A 179 -10.51 21.62 -5.12
C HIS A 179 -11.06 20.21 -4.85
N VAL A 180 -10.31 19.18 -5.20
CA VAL A 180 -10.68 17.81 -4.86
C VAL A 180 -10.67 17.64 -3.34
N ARG A 181 -9.61 18.13 -2.68
CA ARG A 181 -9.57 18.05 -1.21
C ARG A 181 -10.68 18.86 -0.57
N SER A 182 -11.04 20.00 -1.16
CA SER A 182 -12.14 20.84 -0.62
C SER A 182 -13.49 20.10 -0.72
N VAL A 183 -13.81 19.59 -1.90
CA VAL A 183 -15.09 18.88 -2.10
C VAL A 183 -15.17 17.65 -1.21
N ASN A 184 -14.15 16.79 -1.28
CA ASN A 184 -14.15 15.55 -0.51
C ASN A 184 -14.05 15.80 0.98
N GLY A 185 -13.31 16.82 1.38
CA GLY A 185 -13.21 17.22 2.77
C GLY A 185 -14.54 17.68 3.35
N ASP A 186 -15.27 18.50 2.61
CA ASP A 186 -16.60 18.92 3.04
C ASP A 186 -17.59 17.75 3.09
N ILE A 187 -17.48 16.82 2.15
CA ILE A 187 -18.33 15.63 2.18
C ILE A 187 -18.07 14.83 3.45
N ARG A 188 -16.80 14.67 3.81
CA ARG A 188 -16.44 13.96 5.04
C ARG A 188 -16.90 14.65 6.31
N VAL A 189 -16.83 15.98 6.33
CA VAL A 189 -17.36 16.77 7.45
C VAL A 189 -18.88 16.54 7.57
N LEU A 190 -19.54 16.54 6.43
CA LEU A 190 -20.98 16.41 6.38
C LEU A 190 -21.45 15.06 6.92
N ARG A 191 -20.74 13.98 6.61
N ARG A 191 -20.74 13.97 6.61
CA ARG A 191 -21.14 12.62 7.02
CA ARG A 191 -21.17 12.61 7.01
C ARG A 191 -21.41 12.45 8.51
C ARG A 191 -21.41 12.44 8.51
N ASN A 192 -20.57 13.07 9.32
CA ASN A 192 -20.64 12.96 10.77
C ASN A 192 -21.31 14.13 11.48
N MET A 193 -21.77 15.10 10.71
CA MET A 193 -22.27 16.32 11.27
C MET A 193 -23.57 16.04 12.03
N ASP A 194 -23.73 16.71 13.17
CA ASP A 194 -25.03 16.76 13.86
C ASP A 194 -26.13 17.15 12.87
N ASP A 195 -27.17 16.33 12.74
CA ASP A 195 -28.29 16.63 11.78
C ASP A 195 -28.88 18.03 11.95
N ASP A 196 -28.94 18.50 13.18
CA ASP A 196 -29.51 19.80 13.46
C ASP A 196 -28.69 20.97 12.90
N GLU A 197 -27.40 20.72 12.61
CA GLU A 197 -26.50 21.73 12.10
C GLU A 197 -26.45 21.74 10.56
N VAL A 198 -27.06 20.76 9.92
CA VAL A 198 -27.03 20.67 8.45
C VAL A 198 -27.80 21.80 7.76
N PHE A 199 -28.85 22.33 8.38
CA PHE A 199 -29.61 23.45 7.80
C PHE A 199 -28.71 24.66 7.59
N THR A 200 -27.97 25.01 8.63
CA THR A 200 -27.00 26.10 8.54
C THR A 200 -25.85 25.80 7.58
N PHE A 201 -25.40 24.55 7.55
CA PHE A 201 -24.36 24.17 6.59
C PHE A 201 -24.82 24.37 5.16
N ALA A 202 -26.08 23.98 4.86
CA ALA A 202 -26.66 24.20 3.54
C ALA A 202 -26.75 25.70 3.18
N LYS A 203 -27.15 26.51 4.14
CA LYS A 203 -27.14 27.97 3.97
C LYS A 203 -25.76 28.49 3.63
N LYS A 204 -24.76 28.06 4.38
CA LYS A 204 -23.37 28.51 4.17
C LYS A 204 -22.77 28.05 2.86
N LEU A 205 -23.13 26.85 2.42
CA LEU A 205 -22.76 26.38 1.08
C LEU A 205 -23.55 27.05 -0.05
N ALA A 206 -24.66 27.71 0.30
CA ALA A 206 -25.67 28.20 -0.65
C ALA A 206 -26.08 27.07 -1.58
N ALA A 207 -26.40 25.93 -0.98
CA ALA A 207 -26.71 24.71 -1.72
C ALA A 207 -28.08 24.22 -1.28
N PRO A 208 -28.80 23.49 -2.16
CA PRO A 208 -30.10 22.97 -1.78
C PRO A 208 -30.03 21.91 -0.67
N TYR A 209 -30.83 22.09 0.37
CA TYR A 209 -30.78 21.27 1.54
C TYR A 209 -30.98 19.79 1.23
N ASP A 210 -31.93 19.48 0.34
CA ASP A 210 -32.20 18.07 -0.01
C ASP A 210 -30.98 17.38 -0.61
N LEU A 211 -30.25 18.06 -1.50
CA LEU A 211 -29.01 17.50 -2.04
C LEU A 211 -27.87 17.40 -1.02
N VAL A 212 -27.81 18.34 -0.08
CA VAL A 212 -26.82 18.27 1.04
C VAL A 212 -27.10 16.98 1.87
N MET A 213 -28.36 16.77 2.20
CA MET A 213 -28.76 15.56 2.95
C MET A 213 -28.54 14.28 2.19
N GLN A 214 -28.82 14.28 0.88
CA GLN A 214 -28.51 13.13 0.05
C GLN A 214 -27.01 12.81 0.03
N THR A 215 -26.18 13.84 -0.08
CA THR A 215 -24.73 13.69 0.00
C THR A 215 -24.27 13.14 1.36
N LYS A 216 -24.89 13.64 2.43
CA LYS A 216 -24.62 13.14 3.78
C LYS A 216 -24.94 11.64 3.89
N GLN A 217 -26.10 11.24 3.41
CA GLN A 217 -26.51 9.82 3.48
C GLN A 217 -25.64 8.90 2.62
N LEU A 218 -25.27 9.34 1.42
CA LEU A 218 -24.41 8.55 0.54
C LEU A 218 -22.97 8.51 0.98
N GLY A 219 -22.51 9.57 1.63
CA GLY A 219 -21.12 9.72 1.97
C GLY A 219 -20.23 10.02 0.77
N ARG A 220 -20.83 10.50 -0.32
CA ARG A 220 -20.11 10.87 -1.53
C ARG A 220 -21.00 11.79 -2.37
N LEU A 221 -20.46 12.32 -3.44
CA LEU A 221 -21.25 13.14 -4.33
C LEU A 221 -22.35 12.28 -4.99
N PRO A 222 -23.58 12.82 -5.14
CA PRO A 222 -24.67 12.04 -5.73
C PRO A 222 -24.54 11.71 -7.21
N VAL A 223 -23.50 12.21 -7.86
CA VAL A 223 -23.22 11.89 -9.26
C VAL A 223 -21.75 11.54 -9.34
N VAL A 224 -21.38 11.00 -10.50
CA VAL A 224 -19.98 10.75 -10.83
C VAL A 224 -19.15 12.05 -10.72
N GLN A 225 -17.97 11.95 -10.09
CA GLN A 225 -17.04 13.10 -9.89
C GLN A 225 -15.66 12.79 -10.49
N PHE A 226 -15.28 13.53 -11.52
CA PHE A 226 -13.96 13.41 -12.14
C PHE A 226 -13.10 14.61 -11.73
N ALA A 227 -11.78 14.43 -11.73
CA ALA A 227 -10.85 15.53 -11.56
C ALA A 227 -10.46 16.08 -12.93
N ALA A 228 -10.13 17.36 -12.97
CA ALA A 228 -9.62 17.99 -14.18
C ALA A 228 -8.76 19.19 -13.84
N GLY A 229 -7.80 19.48 -14.71
CA GLY A 229 -7.02 20.72 -14.62
C GLY A 229 -5.61 20.46 -14.17
N GLY A 230 -4.72 20.44 -15.14
CA GLY A 230 -3.31 20.33 -14.90
C GLY A 230 -2.77 18.92 -14.84
N VAL A 231 -3.58 17.92 -15.22
CA VAL A 231 -3.11 16.53 -15.20
C VAL A 231 -2.14 16.39 -16.37
N ALA A 232 -0.87 16.29 -16.07
CA ALA A 232 0.19 16.28 -17.08
C ALA A 232 0.95 14.97 -17.14
N THR A 233 0.96 14.22 -16.04
CA THR A 233 1.73 12.99 -15.95
C THR A 233 0.87 11.84 -15.43
N PRO A 234 1.33 10.60 -15.63
CA PRO A 234 0.69 9.45 -14.97
C PRO A 234 0.58 9.58 -13.47
N ALA A 235 1.62 10.11 -12.82
CA ALA A 235 1.58 10.37 -11.39
C ALA A 235 0.42 11.28 -10.99
N ASP A 236 0.21 12.34 -11.75
CA ASP A 236 -0.88 13.28 -11.48
C ASP A 236 -2.23 12.58 -11.53
N ALA A 237 -2.42 11.76 -12.56
CA ALA A 237 -3.68 11.04 -12.75
C ALA A 237 -3.96 10.07 -11.62
N ALA A 238 -2.95 9.31 -11.21
CA ALA A 238 -3.10 8.38 -10.11
C ALA A 238 -3.33 9.07 -8.78
N LEU A 239 -2.70 10.24 -8.60
CA LEU A 239 -2.93 11.07 -7.41
C LEU A 239 -4.41 11.43 -7.28
N MET A 240 -5.04 11.85 -8.38
CA MET A 240 -6.46 12.23 -8.35
C MET A 240 -7.33 11.03 -7.97
N MET A 241 -6.96 9.86 -8.47
CA MET A 241 -7.70 8.63 -8.10
C MET A 241 -7.47 8.28 -6.63
N GLN A 242 -6.24 8.41 -6.13
CA GLN A 242 -6.01 8.13 -4.70
C GLN A 242 -6.67 9.13 -3.76
N LEU A 243 -6.91 10.37 -4.22
CA LEU A 243 -7.73 11.33 -3.49
C LEU A 243 -9.25 11.08 -3.54
N GLY A 244 -9.71 10.08 -4.31
CA GLY A 244 -11.11 9.65 -4.27
C GLY A 244 -11.95 9.96 -5.50
N CYS A 245 -11.36 10.47 -6.58
CA CYS A 245 -12.12 10.78 -7.80
C CYS A 245 -12.54 9.50 -8.54
N ASP A 246 -13.55 9.62 -9.38
CA ASP A 246 -14.04 8.48 -10.18
C ASP A 246 -13.31 8.32 -11.51
N GLY A 247 -12.54 9.34 -11.90
CA GLY A 247 -11.84 9.37 -13.18
C GLY A 247 -11.24 10.75 -13.40
N VAL A 248 -10.60 10.95 -14.54
CA VAL A 248 -9.95 12.23 -14.83
C VAL A 248 -10.22 12.70 -16.26
N PHE A 249 -10.30 14.03 -16.43
CA PHE A 249 -10.20 14.68 -17.73
C PHE A 249 -8.75 15.09 -17.96
N VAL A 250 -8.30 14.95 -19.19
CA VAL A 250 -6.99 15.46 -19.61
C VAL A 250 -7.24 16.26 -20.86
N GLY A 251 -6.79 17.51 -20.87
CA GLY A 251 -6.98 18.39 -22.02
C GLY A 251 -5.65 18.58 -22.70
N SER A 252 -4.88 19.47 -22.08
CA SER A 252 -3.63 19.94 -22.66
C SER A 252 -2.51 18.93 -22.49
N GLY A 253 -2.50 18.24 -21.35
CA GLY A 253 -1.39 17.37 -20.94
C GLY A 253 -0.96 16.31 -21.95
N ILE A 254 -1.92 15.85 -22.77
CA ILE A 254 -1.61 14.85 -23.79
C ILE A 254 -1.14 15.54 -25.06
N PHE A 255 -2.00 16.40 -25.61
CA PHE A 255 -1.73 16.98 -26.93
C PHE A 255 -0.79 18.19 -26.99
N LYS A 256 -0.40 18.72 -25.83
CA LYS A 256 0.73 19.66 -25.74
C LYS A 256 2.04 18.96 -25.29
N SER A 257 2.07 17.62 -25.27
CA SER A 257 3.29 16.88 -24.91
C SER A 257 4.06 16.42 -26.16
N GLY A 258 5.27 15.90 -25.92
CA GLY A 258 6.14 15.36 -26.96
C GLY A 258 5.64 14.11 -27.66
N ASP A 259 5.04 13.18 -26.92
CA ASP A 259 4.45 11.96 -27.54
C ASP A 259 3.03 11.74 -27.01
N PRO A 260 2.03 12.36 -27.67
CA PRO A 260 0.65 12.25 -27.22
C PRO A 260 0.12 10.81 -27.07
N ALA A 261 0.39 9.92 -28.03
CA ALA A 261 -0.18 8.57 -28.01
C ALA A 261 0.33 7.74 -26.84
N ARG A 262 1.65 7.75 -26.64
CA ARG A 262 2.23 6.99 -25.55
C ARG A 262 1.81 7.57 -24.22
N ARG A 263 1.79 8.91 -24.12
CA ARG A 263 1.39 9.54 -22.86
C ARG A 263 -0.07 9.25 -22.54
N ALA A 264 -0.91 9.29 -23.57
CA ALA A 264 -2.33 9.00 -23.42
C ALA A 264 -2.53 7.61 -22.83
N ARG A 265 -1.81 6.65 -23.36
CA ARG A 265 -1.88 5.27 -22.89
C ARG A 265 -1.43 5.15 -21.44
N ALA A 266 -0.31 5.81 -21.13
CA ALA A 266 0.26 5.79 -19.78
C ALA A 266 -0.72 6.34 -18.75
N ILE A 267 -1.39 7.44 -19.10
CA ILE A 267 -2.38 8.05 -18.21
C ILE A 267 -3.60 7.11 -18.00
N VAL A 268 -4.09 6.49 -19.07
CA VAL A 268 -5.15 5.50 -18.94
C VAL A 268 -4.76 4.36 -17.96
N GLN A 269 -3.56 3.83 -18.14
CA GLN A 269 -3.07 2.74 -17.29
C GLN A 269 -2.89 3.18 -15.86
N ALA A 270 -2.43 4.42 -15.68
CA ALA A 270 -2.25 4.98 -14.34
C ALA A 270 -3.57 5.06 -13.61
N VAL A 271 -4.63 5.45 -14.32
CA VAL A 271 -5.95 5.52 -13.69
C VAL A 271 -6.47 4.13 -13.35
N THR A 272 -6.27 3.18 -14.25
CA THR A 272 -6.67 1.78 -13.99
C THR A 272 -5.88 1.17 -12.84
N HIS A 273 -4.59 1.47 -12.74
CA HIS A 273 -3.71 0.83 -11.77
C HIS A 273 -3.20 1.83 -10.74
N TYR A 274 -4.09 2.70 -10.27
CA TYR A 274 -3.66 3.87 -9.49
C TYR A 274 -3.01 3.54 -8.16
N SER A 275 -3.31 2.36 -7.59
CA SER A 275 -2.73 1.96 -6.31
C SER A 275 -1.55 1.00 -6.43
N ASP A 276 -0.94 0.92 -7.62
CA ASP A 276 0.13 -0.05 -7.92
C ASP A 276 1.39 0.71 -8.34
N PRO A 277 2.26 1.06 -7.35
CA PRO A 277 3.43 1.86 -7.68
C PRO A 277 4.38 1.22 -8.69
N GLU A 278 4.50 -0.11 -8.67
CA GLU A 278 5.34 -0.82 -9.65
C GLU A 278 4.84 -0.55 -11.09
N MET A 279 3.52 -0.64 -11.29
CA MET A 279 2.93 -0.30 -12.59
C MET A 279 3.12 1.18 -12.94
N LEU A 280 2.97 2.04 -11.94
CA LEU A 280 3.14 3.49 -12.18
C LEU A 280 4.55 3.84 -12.63
N VAL A 281 5.55 3.16 -12.07
CA VAL A 281 6.93 3.30 -12.56
C VAL A 281 7.03 2.92 -14.03
N GLU A 282 6.52 1.75 -14.36
CA GLU A 282 6.63 1.21 -15.73
C GLU A 282 6.02 2.15 -16.76
N VAL A 283 4.79 2.61 -16.52
CA VAL A 283 4.14 3.50 -17.50
C VAL A 283 4.76 4.90 -17.56
N SER A 284 5.39 5.33 -16.47
CA SER A 284 6.03 6.65 -16.45
C SER A 284 7.42 6.64 -17.08
N CYS A 285 8.00 5.44 -17.19
CA CYS A 285 9.40 5.32 -17.58
C CYS A 285 9.56 5.59 -19.07
N GLY A 286 10.44 6.54 -19.40
CA GLY A 286 10.75 6.90 -20.77
C GLY A 286 9.59 7.43 -21.59
N LEU A 287 8.82 8.38 -21.03
CA LEU A 287 7.71 9.06 -21.79
C LEU A 287 7.79 10.24 -22.75
N GLY A 288 8.96 10.75 -22.99
CA GLY A 288 9.09 12.01 -23.75
C GLY A 288 8.80 13.23 -22.89
N GLU A 289 8.86 14.42 -23.50
CA GLU A 289 8.69 15.68 -22.77
C GLU A 289 7.22 15.87 -22.40
N ALA A 290 6.97 16.10 -21.11
CA ALA A 290 5.65 16.51 -20.63
C ALA A 290 5.38 17.92 -21.13
N MET A 291 4.12 18.37 -21.11
CA MET A 291 3.85 19.79 -21.39
C MET A 291 4.59 20.62 -20.33
N VAL A 292 5.33 21.63 -20.78
CA VAL A 292 6.16 22.45 -19.87
C VAL A 292 5.25 23.25 -18.94
N GLY A 293 4.22 23.84 -19.54
CA GLY A 293 3.19 24.52 -18.79
C GLY A 293 3.70 25.81 -18.19
N ILE A 294 2.97 26.31 -17.20
CA ILE A 294 3.29 27.61 -16.61
C ILE A 294 2.96 27.58 -15.11
N ASN A 295 3.90 28.06 -14.30
CA ASN A 295 3.68 28.25 -12.88
C ASN A 295 3.15 29.69 -12.69
N LEU A 296 1.86 29.82 -12.38
CA LEU A 296 1.23 31.14 -12.16
C LEU A 296 1.68 31.94 -10.91
N ASN A 297 2.48 31.35 -10.01
CA ASN A 297 3.19 32.12 -8.97
C ASN A 297 4.32 32.96 -9.57
N LYS B 20 15.38 1.03 17.21
CA LYS B 20 14.46 -0.12 16.91
C LYS B 20 13.18 0.24 16.10
N SER B 21 12.54 1.39 16.34
CA SER B 21 11.34 1.79 15.58
C SER B 21 11.70 2.04 14.11
N PRO B 22 10.74 1.88 13.19
CA PRO B 22 11.12 2.16 11.80
C PRO B 22 11.60 3.60 11.57
N PHE B 23 11.03 4.60 12.26
CA PHE B 23 11.48 5.99 12.09
C PHE B 23 12.93 6.17 12.55
N SER B 24 13.28 5.62 13.72
CA SER B 24 14.67 5.71 14.20
C SER B 24 15.67 5.08 13.26
N VAL B 25 15.27 4.04 12.54
CA VAL B 25 16.15 3.41 11.53
C VAL B 25 16.40 4.38 10.37
N LYS B 26 15.36 5.09 9.93
CA LYS B 26 15.52 6.05 8.84
C LYS B 26 16.41 7.21 9.29
N VAL B 27 16.18 7.66 10.51
CA VAL B 27 16.97 8.74 11.10
C VAL B 27 18.44 8.32 11.18
N GLY B 28 18.67 7.07 11.59
CA GLY B 28 20.02 6.50 11.65
C GLY B 28 20.70 6.41 10.33
N LEU B 29 19.97 6.03 9.28
CA LEU B 29 20.50 5.99 7.91
C LEU B 29 21.05 7.34 7.46
N ALA B 30 20.29 8.39 7.68
CA ALA B 30 20.70 9.74 7.29
C ALA B 30 21.93 10.27 8.04
N GLN B 31 22.18 9.78 9.25
CA GLN B 31 23.41 10.09 10.02
C GLN B 31 24.70 9.72 9.32
N MET B 32 24.65 8.73 8.45
CA MET B 32 25.79 8.35 7.57
C MET B 32 26.26 9.44 6.60
N LEU B 33 25.41 10.43 6.32
CA LEU B 33 25.74 11.53 5.42
C LEU B 33 26.45 12.67 6.11
N ARG B 34 26.53 12.65 7.43
CA ARG B 34 27.16 13.76 8.18
C ARG B 34 28.54 14.02 7.67
N GLY B 35 28.88 15.31 7.51
CA GLY B 35 30.18 15.71 7.02
C GLY B 35 30.25 15.71 5.52
N GLY B 36 29.12 15.51 4.85
CA GLY B 36 29.12 15.39 3.40
C GLY B 36 28.49 16.54 2.61
N VAL B 37 28.72 16.48 1.31
CA VAL B 37 28.13 17.36 0.33
C VAL B 37 27.23 16.54 -0.58
N ILE B 38 25.98 16.96 -0.70
CA ILE B 38 25.02 16.33 -1.63
C ILE B 38 24.92 17.23 -2.84
N MET B 39 25.14 16.67 -4.02
CA MET B 39 25.18 17.45 -5.26
C MET B 39 24.01 17.14 -6.17
N ASP B 40 23.29 18.20 -6.56
CA ASP B 40 22.20 18.06 -7.54
C ASP B 40 22.79 17.71 -8.89
N VAL B 41 22.20 16.71 -9.53
CA VAL B 41 22.66 16.26 -10.86
C VAL B 41 21.41 16.04 -11.76
N VAL B 42 21.55 16.36 -13.03
CA VAL B 42 20.44 16.22 -13.98
C VAL B 42 20.63 15.07 -14.97
N ASN B 43 21.83 14.50 -15.02
CA ASN B 43 22.11 13.34 -15.85
C ASN B 43 23.27 12.52 -15.28
N ALA B 44 23.60 11.40 -15.94
CA ALA B 44 24.62 10.46 -15.44
C ALA B 44 26.04 11.01 -15.49
N GLU B 45 26.30 11.96 -16.39
CA GLU B 45 27.60 12.60 -16.45
C GLU B 45 27.83 13.47 -15.19
N GLN B 46 26.88 14.35 -14.89
CA GLN B 46 26.94 15.15 -13.66
C GLN B 46 27.11 14.21 -12.42
N ALA B 47 26.38 13.08 -12.39
CA ALA B 47 26.46 12.09 -11.27
C ALA B 47 27.85 11.53 -11.04
N ARG B 48 28.54 11.18 -12.13
CA ARG B 48 29.91 10.64 -12.02
C ARG B 48 30.93 11.70 -11.60
N ILE B 49 30.81 12.91 -12.13
CA ILE B 49 31.62 14.05 -11.66
C ILE B 49 31.45 14.23 -10.15
N ALA B 50 30.20 14.22 -9.67
CA ALA B 50 29.93 14.34 -8.23
C ALA B 50 30.56 13.24 -7.40
N GLU B 51 30.40 11.98 -7.82
CA GLU B 51 31.00 10.89 -7.07
C GLU B 51 32.56 10.99 -7.06
N GLU B 52 33.14 11.32 -8.21
CA GLU B 52 34.61 11.46 -8.36
C GLU B 52 35.16 12.60 -7.45
N ALA B 53 34.40 13.67 -7.30
CA ALA B 53 34.75 14.79 -6.42
C ALA B 53 34.60 14.50 -4.91
N GLY B 54 33.96 13.38 -4.55
CA GLY B 54 33.79 12.99 -3.15
C GLY B 54 32.44 13.36 -2.51
N ALA B 55 31.42 13.59 -3.33
CA ALA B 55 30.05 13.80 -2.82
C ALA B 55 29.61 12.60 -1.97
N CYS B 56 28.87 12.85 -0.90
CA CYS B 56 28.31 11.77 -0.07
C CYS B 56 27.06 11.19 -0.71
N ALA B 57 26.40 11.96 -1.59
CA ALA B 57 25.21 11.49 -2.31
C ALA B 57 24.95 12.40 -3.49
N VAL B 58 24.16 11.91 -4.45
CA VAL B 58 23.68 12.73 -5.54
C VAL B 58 22.15 12.89 -5.43
N MET B 59 21.65 14.00 -5.97
CA MET B 59 20.24 14.36 -5.97
C MET B 59 19.83 14.48 -7.43
N ALA B 60 19.04 13.52 -7.90
CA ALA B 60 18.53 13.50 -9.28
C ALA B 60 17.35 14.46 -9.41
N LEU B 61 17.46 15.41 -10.34
CA LEU B 61 16.35 16.31 -10.61
C LEU B 61 16.33 16.76 -12.06
N GLU B 62 15.19 17.32 -12.48
CA GLU B 62 14.98 17.66 -13.89
C GLU B 62 15.91 18.78 -14.37
N ARG B 63 16.04 19.83 -13.55
CA ARG B 63 16.79 21.03 -13.89
C ARG B 63 17.35 21.58 -12.58
N VAL B 64 18.56 22.12 -12.62
CA VAL B 64 19.14 22.72 -11.39
C VAL B 64 18.29 23.95 -11.01
N PRO B 65 18.23 24.29 -9.70
CA PRO B 65 17.38 25.40 -9.27
C PRO B 65 17.56 26.74 -10.02
N ALA B 66 18.80 27.09 -10.39
CA ALA B 66 19.05 28.33 -11.19
C ALA B 66 18.32 28.32 -12.55
N ASP B 67 18.24 27.14 -13.17
CA ASP B 67 17.49 27.00 -14.44
C ASP B 67 15.98 27.01 -14.26
N ILE B 68 15.49 26.42 -13.16
CA ILE B 68 14.06 26.50 -12.82
C ILE B 68 13.66 27.97 -12.61
N ARG B 69 14.49 28.70 -11.87
CA ARG B 69 14.27 30.15 -11.63
C ARG B 69 14.24 30.95 -12.93
N ALA B 70 15.29 30.78 -13.75
CA ALA B 70 15.43 31.51 -15.00
C ALA B 70 14.35 31.19 -16.04
N GLN B 71 13.98 29.91 -16.16
CA GLN B 71 13.11 29.44 -17.26
C GLN B 71 11.64 29.35 -16.87
N GLY B 72 11.34 29.16 -15.58
CA GLY B 72 9.97 28.93 -15.13
C GLY B 72 9.46 27.59 -15.65
N GLY B 73 8.14 27.50 -15.86
CA GLY B 73 7.49 26.25 -16.23
C GLY B 73 7.16 25.44 -14.98
N VAL B 74 6.38 24.38 -15.12
CA VAL B 74 6.04 23.51 -13.99
C VAL B 74 7.19 22.52 -13.83
N ALA B 75 7.76 22.46 -12.63
CA ALA B 75 8.87 21.57 -12.35
C ALA B 75 8.36 20.38 -11.55
N ARG B 76 8.59 19.19 -12.09
CA ARG B 76 8.04 17.93 -11.55
C ARG B 76 9.17 16.94 -11.25
N MET B 77 8.78 15.81 -10.67
CA MET B 77 9.65 14.65 -10.51
C MET B 77 10.31 14.35 -11.85
N SER B 78 11.57 13.96 -11.82
CA SER B 78 12.28 13.55 -13.05
C SER B 78 11.70 12.25 -13.62
N ASP B 79 11.87 12.08 -14.92
CA ASP B 79 11.49 10.84 -15.59
C ASP B 79 12.19 9.69 -14.89
N PRO B 80 11.47 8.62 -14.51
CA PRO B 80 12.12 7.44 -13.90
C PRO B 80 13.31 6.88 -14.69
N GLN B 81 13.28 7.02 -16.02
CA GLN B 81 14.40 6.53 -16.85
C GLN B 81 15.70 7.25 -16.50
N MET B 82 15.64 8.58 -16.39
CA MET B 82 16.83 9.38 -16.05
CA MET B 82 16.83 9.37 -16.06
C MET B 82 17.32 9.04 -14.65
N ILE B 83 16.39 8.79 -13.73
CA ILE B 83 16.76 8.42 -12.36
C ILE B 83 17.48 7.04 -12.33
N LYS B 84 16.95 6.08 -13.08
CA LYS B 84 17.58 4.77 -13.22
C LYS B 84 19.00 4.87 -13.77
N GLU B 85 19.18 5.69 -14.81
CA GLU B 85 20.52 5.93 -15.38
C GLU B 85 21.51 6.50 -14.36
N ILE B 86 21.06 7.43 -13.53
CA ILE B 86 21.90 7.98 -12.45
C ILE B 86 22.21 6.92 -11.39
N LYS B 87 21.20 6.16 -10.98
CA LYS B 87 21.39 5.15 -9.95
C LYS B 87 22.41 4.08 -10.39
N GLN B 88 22.38 3.72 -11.68
CA GLN B 88 23.35 2.77 -12.26
C GLN B 88 24.77 3.33 -12.41
N ALA B 89 24.89 4.65 -12.58
CA ALA B 89 26.19 5.29 -12.83
C ALA B 89 27.05 5.54 -11.58
N VAL B 90 26.50 5.35 -10.38
CA VAL B 90 27.25 5.65 -9.14
C VAL B 90 26.96 4.59 -8.10
N THR B 91 27.85 4.51 -7.11
CA THR B 91 27.68 3.60 -5.97
C THR B 91 27.31 4.33 -4.67
N ILE B 92 27.44 5.66 -4.65
CA ILE B 92 26.97 6.45 -3.50
C ILE B 92 25.43 6.55 -3.51
N PRO B 93 24.81 6.89 -2.36
CA PRO B 93 23.33 7.02 -2.31
C PRO B 93 22.75 7.99 -3.36
N VAL B 94 21.56 7.66 -3.86
CA VAL B 94 20.88 8.47 -4.85
C VAL B 94 19.59 8.94 -4.24
N MET B 95 19.40 10.24 -4.28
CA MET B 95 18.21 10.90 -3.80
C MET B 95 17.51 11.45 -5.02
N ALA B 96 16.22 11.71 -4.91
CA ALA B 96 15.50 12.40 -5.96
C ALA B 96 14.35 13.22 -5.41
N LYS B 97 13.93 14.21 -6.18
CA LYS B 97 12.95 15.20 -5.74
C LYS B 97 11.54 14.84 -6.16
N ALA B 98 10.60 15.07 -5.24
CA ALA B 98 9.19 15.02 -5.51
C ALA B 98 8.57 16.36 -5.10
N ARG B 99 7.48 16.71 -5.78
CA ARG B 99 6.76 17.92 -5.47
C ARG B 99 6.12 17.81 -4.10
N ILE B 100 6.08 18.93 -3.38
CA ILE B 100 5.45 18.97 -2.08
C ILE B 100 3.99 18.52 -2.18
N GLY B 101 3.63 17.57 -1.31
CA GLY B 101 2.32 16.94 -1.31
C GLY B 101 2.04 15.90 -2.39
N HIS B 102 2.99 15.66 -3.30
CA HIS B 102 2.73 14.71 -4.39
C HIS B 102 3.14 13.32 -3.98
N PHE B 103 2.26 12.70 -3.21
CA PHE B 103 2.58 11.39 -2.61
C PHE B 103 2.69 10.27 -3.64
N VAL B 104 2.08 10.43 -4.81
CA VAL B 104 2.24 9.45 -5.88
C VAL B 104 3.61 9.55 -6.55
N GLU B 105 4.10 10.75 -6.80
CA GLU B 105 5.46 10.91 -7.26
C GLU B 105 6.40 10.21 -6.30
N ALA B 106 6.16 10.35 -5.00
CA ALA B 106 7.00 9.71 -4.00
C ALA B 106 6.87 8.18 -4.07
N GLN B 107 5.66 7.66 -4.22
CA GLN B 107 5.45 6.20 -4.41
C GLN B 107 6.28 5.67 -5.57
N ILE B 108 6.28 6.40 -6.67
CA ILE B 108 7.00 6.02 -7.86
C ILE B 108 8.50 5.99 -7.56
N LEU B 109 9.01 7.06 -6.94
CA LEU B 109 10.44 7.12 -6.61
C LEU B 109 10.87 5.98 -5.72
N GLU B 110 10.06 5.65 -4.74
CA GLU B 110 10.35 4.55 -3.86
C GLU B 110 10.38 3.22 -4.61
N ALA B 111 9.43 3.04 -5.52
CA ALA B 111 9.36 1.83 -6.32
C ALA B 111 10.54 1.69 -7.31
N ILE B 112 11.17 2.79 -7.70
CA ILE B 112 12.41 2.75 -8.50
C ILE B 112 13.61 2.16 -7.71
N GLY B 113 13.57 2.24 -6.38
CA GLY B 113 14.65 1.73 -5.53
C GLY B 113 15.77 2.73 -5.24
N ILE B 114 15.46 4.02 -5.18
CA ILE B 114 16.47 5.00 -4.76
C ILE B 114 16.57 5.01 -3.24
N ASP B 115 17.49 5.81 -2.71
CA ASP B 115 17.81 5.77 -1.30
C ASP B 115 17.08 6.82 -0.47
N TYR B 116 16.85 8.00 -1.03
CA TYR B 116 16.09 9.06 -0.33
C TYR B 116 15.19 9.82 -1.27
N ILE B 117 14.09 10.34 -0.72
CA ILE B 117 13.22 11.25 -1.45
C ILE B 117 13.36 12.62 -0.80
N ASP B 118 13.55 13.64 -1.62
CA ASP B 118 13.49 15.02 -1.16
C ASP B 118 12.13 15.63 -1.58
N GLU B 119 11.27 15.88 -0.59
CA GLU B 119 10.01 16.55 -0.83
C GLU B 119 10.38 18.02 -0.94
N SER B 120 10.53 18.51 -2.17
CA SER B 120 11.30 19.73 -2.41
C SER B 120 10.50 20.96 -2.84
N GLU B 121 10.71 22.05 -2.13
CA GLU B 121 10.15 23.35 -2.51
C GLU B 121 10.73 23.98 -3.77
N VAL B 122 11.81 23.45 -4.36
CA VAL B 122 12.26 24.02 -5.64
C VAL B 122 11.43 23.51 -6.81
N LEU B 123 10.80 22.34 -6.65
CA LEU B 123 9.80 21.87 -7.62
C LEU B 123 8.50 22.64 -7.37
N THR B 124 7.58 22.55 -8.33
CA THR B 124 6.31 23.27 -8.25
C THR B 124 5.40 22.60 -7.23
N LEU B 125 4.99 23.35 -6.22
CA LEU B 125 4.10 22.87 -5.18
C LEU B 125 2.88 22.15 -5.78
N ALA B 126 2.56 20.93 -5.30
CA ALA B 126 1.37 20.19 -5.75
C ALA B 126 0.22 20.30 -4.76
N ASP B 127 0.52 20.51 -3.48
CA ASP B 127 -0.50 20.63 -2.45
C ASP B 127 -0.09 21.79 -1.57
N GLU B 128 -0.88 22.85 -1.61
CA GLU B 128 -0.55 24.06 -0.87
C GLU B 128 -0.78 23.92 0.62
N ASP B 129 -1.64 22.98 1.04
CA ASP B 129 -2.03 22.86 2.45
C ASP B 129 -1.47 21.66 3.22
N HIS B 130 -1.02 20.62 2.51
CA HIS B 130 -0.56 19.38 3.15
C HIS B 130 0.70 18.89 2.48
N HIS B 131 1.65 18.46 3.31
CA HIS B 131 2.79 17.71 2.83
C HIS B 131 2.47 16.20 2.76
N ILE B 132 3.39 15.46 2.16
CA ILE B 132 3.32 14.02 2.12
C ILE B 132 3.35 13.44 3.51
N ASN B 133 2.51 12.44 3.75
CA ASN B 133 2.58 11.68 5.00
C ASN B 133 3.75 10.67 4.81
N LYS B 134 4.91 11.08 5.30
CA LYS B 134 6.17 10.38 5.01
C LYS B 134 6.32 9.10 5.83
N HIS B 135 5.57 8.96 6.91
CA HIS B 135 5.52 7.73 7.67
C HIS B 135 4.93 6.54 6.88
N ASN B 136 4.21 6.80 5.79
CA ASN B 136 3.67 5.72 4.94
C ASN B 136 4.71 5.09 4.02
N PHE B 137 5.97 5.52 4.09
CA PHE B 137 7.00 5.07 3.17
C PHE B 137 8.08 4.35 3.96
N ARG B 138 8.77 3.45 3.28
CA ARG B 138 9.92 2.75 3.89
C ARG B 138 11.21 3.56 3.70
N ILE B 139 11.33 4.21 2.56
CA ILE B 139 12.45 5.09 2.19
C ILE B 139 12.48 6.39 3.06
N PRO B 140 13.67 6.86 3.47
CA PRO B 140 13.75 8.13 4.22
C PRO B 140 13.54 9.35 3.34
N PHE B 141 12.97 10.40 3.95
CA PHE B 141 12.72 11.65 3.26
C PHE B 141 13.58 12.77 3.84
N VAL B 142 13.98 13.67 2.96
CA VAL B 142 14.48 14.99 3.29
C VAL B 142 13.35 16.00 3.03
N CYS B 143 13.17 16.96 3.95
CA CYS B 143 12.30 18.13 3.71
C CYS B 143 13.06 19.41 4.02
N GLY B 144 12.60 20.51 3.42
CA GLY B 144 13.14 21.84 3.64
C GLY B 144 12.52 22.51 4.87
N CYS B 145 13.20 23.52 5.39
CA CYS B 145 12.62 24.40 6.39
C CYS B 145 13.30 25.76 6.36
N ARG B 146 12.63 26.74 6.95
CA ARG B 146 13.18 28.07 7.14
C ARG B 146 13.27 28.43 8.60
N ASN B 147 12.65 27.65 9.47
CA ASN B 147 12.64 27.94 10.89
C ASN B 147 12.40 26.65 11.65
N LEU B 148 12.55 26.71 12.97
CA LEU B 148 12.49 25.52 13.80
C LEU B 148 11.10 24.89 13.82
N GLY B 149 10.06 25.71 13.90
CA GLY B 149 8.69 25.21 13.84
C GLY B 149 8.46 24.35 12.62
N GLU B 150 8.83 24.87 11.47
CA GLU B 150 8.67 24.19 10.22
C GLU B 150 9.46 22.88 10.18
N ALA B 151 10.70 22.90 10.65
CA ALA B 151 11.52 21.66 10.75
C ALA B 151 10.83 20.59 11.57
N LEU B 152 10.32 20.97 12.74
CA LEU B 152 9.67 20.02 13.61
C LEU B 152 8.33 19.48 13.05
N ARG B 153 7.59 20.32 12.33
CA ARG B 153 6.40 19.86 11.61
C ARG B 153 6.77 18.83 10.55
N ARG B 154 7.82 19.07 9.78
CA ARG B 154 8.26 18.13 8.76
C ARG B 154 8.70 16.81 9.39
N ILE B 155 9.42 16.88 10.51
CA ILE B 155 9.86 15.68 11.21
C ILE B 155 8.66 14.88 11.72
N ARG B 156 7.65 15.57 12.28
CA ARG B 156 6.48 14.85 12.77
C ARG B 156 5.71 14.12 11.66
N GLU B 157 5.68 14.71 10.46
CA GLU B 157 5.13 14.05 9.27
C GLU B 157 5.97 12.87 8.78
N GLY B 158 7.22 12.76 9.27
CA GLY B 158 8.11 11.63 9.02
C GLY B 158 9.39 11.94 8.27
N ALA B 159 9.75 13.21 8.11
CA ALA B 159 11.06 13.53 7.53
C ALA B 159 12.19 12.97 8.42
N ALA B 160 13.15 12.31 7.79
CA ALA B 160 14.31 11.74 8.50
C ALA B 160 15.55 12.66 8.46
N MET B 161 15.45 13.75 7.71
CA MET B 161 16.52 14.68 7.50
C MET B 161 15.93 16.03 7.11
N ILE B 162 16.56 17.11 7.53
CA ILE B 162 16.10 18.46 7.26
C ILE B 162 17.15 19.24 6.50
N ARG B 163 16.68 19.96 5.51
CA ARG B 163 17.48 20.86 4.71
C ARG B 163 17.03 22.28 5.12
N THR B 164 17.92 23.04 5.75
CA THR B 164 17.59 24.42 6.13
C THR B 164 17.94 25.28 4.92
N LYS B 165 16.89 25.85 4.33
CA LYS B 165 16.96 26.38 2.97
C LYS B 165 16.93 27.89 2.89
N GLY B 166 17.86 28.43 2.10
CA GLY B 166 17.90 29.86 1.79
C GLY B 166 17.22 30.11 0.48
N GLU B 167 17.88 30.88 -0.39
CA GLU B 167 17.37 31.21 -1.71
C GLU B 167 17.81 30.11 -2.64
N ALA B 168 16.92 29.70 -3.53
CA ALA B 168 17.23 28.70 -4.53
C ALA B 168 17.62 29.38 -5.83
N GLY B 169 18.76 28.99 -6.37
CA GLY B 169 19.14 29.38 -7.72
C GLY B 169 19.71 30.79 -7.92
N THR B 170 20.19 31.42 -6.86
CA THR B 170 20.73 32.79 -6.91
C THR B 170 22.22 32.92 -6.63
N GLY B 171 22.82 31.90 -6.00
CA GLY B 171 24.21 31.97 -5.57
C GLY B 171 24.45 32.91 -4.40
N ASN B 172 23.37 33.34 -3.74
CA ASN B 172 23.47 34.29 -2.63
C ASN B 172 23.17 33.56 -1.35
N ILE B 173 24.17 33.49 -0.48
CA ILE B 173 24.10 32.72 0.77
C ILE B 173 23.28 33.38 1.88
N ILE B 174 22.83 34.63 1.69
CA ILE B 174 22.20 35.42 2.76
C ILE B 174 21.03 34.74 3.47
N GLU B 175 20.12 34.14 2.71
CA GLU B 175 18.92 33.57 3.33
C GLU B 175 19.24 32.26 4.03
N ALA B 176 20.18 31.48 3.48
CA ALA B 176 20.67 30.28 4.17
C ALA B 176 21.27 30.64 5.52
N VAL B 177 22.11 31.70 5.56
CA VAL B 177 22.66 32.15 6.85
C VAL B 177 21.51 32.55 7.79
N ARG B 178 20.54 33.29 7.28
CA ARG B 178 19.42 33.74 8.11
C ARG B 178 18.69 32.54 8.70
N HIS B 179 18.40 31.56 7.85
CA HIS B 179 17.60 30.42 8.30
C HIS B 179 18.36 29.45 9.20
N VAL B 180 19.64 29.23 8.92
CA VAL B 180 20.49 28.44 9.80
C VAL B 180 20.59 29.11 11.17
N ARG B 181 20.84 30.42 11.18
CA ARG B 181 20.89 31.13 12.46
C ARG B 181 19.55 31.11 13.21
N SER B 182 18.43 31.16 12.47
CA SER B 182 17.11 31.12 13.09
C SER B 182 16.85 29.76 13.76
N VAL B 183 17.07 28.69 13.02
CA VAL B 183 16.87 27.34 13.56
C VAL B 183 17.78 27.08 14.75
N ASN B 184 19.09 27.29 14.56
CA ASN B 184 20.04 27.04 15.62
C ASN B 184 19.84 27.97 16.81
N GLY B 185 19.47 29.21 16.53
CA GLY B 185 19.22 30.17 17.60
C GLY B 185 18.06 29.76 18.49
N ASP B 186 16.97 29.31 17.87
CA ASP B 186 15.80 28.83 18.60
C ASP B 186 16.07 27.54 19.37
N ILE B 187 16.91 26.68 18.81
CA ILE B 187 17.38 25.51 19.57
C ILE B 187 18.14 25.91 20.83
N ARG B 188 19.05 26.88 20.69
CA ARG B 188 19.80 27.37 21.86
C ARG B 188 18.92 28.03 22.93
N VAL B 189 17.90 28.77 22.49
CA VAL B 189 16.94 29.38 23.43
C VAL B 189 16.21 28.28 24.20
N LEU B 190 15.85 27.25 23.47
CA LEU B 190 15.08 26.17 24.02
C LEU B 190 15.84 25.42 25.11
N ARG B 191 17.14 25.21 24.92
N ARG B 191 17.14 25.21 24.92
CA ARG B 191 17.96 24.43 25.86
CA ARG B 191 17.96 24.42 25.84
C ARG B 191 17.92 24.90 27.32
C ARG B 191 17.94 24.91 27.31
N ASN B 192 17.93 26.22 27.50
CA ASN B 192 17.96 26.84 28.84
C ASN B 192 16.56 27.31 29.32
N MET B 193 15.53 27.08 28.53
CA MET B 193 14.23 27.64 28.82
C MET B 193 13.61 26.97 30.05
N ASP B 194 12.93 27.75 30.88
CA ASP B 194 12.08 27.21 31.95
C ASP B 194 11.11 26.17 31.37
N ASP B 195 11.11 24.94 31.92
CA ASP B 195 10.25 23.85 31.40
C ASP B 195 8.77 24.26 31.30
N ASP B 196 8.31 25.07 32.24
CA ASP B 196 6.92 25.49 32.28
C ASP B 196 6.54 26.40 31.11
N GLU B 197 7.54 27.03 30.48
CA GLU B 197 7.30 27.96 29.37
C GLU B 197 7.34 27.23 28.02
N VAL B 198 7.76 25.97 28.02
CA VAL B 198 7.92 25.23 26.76
C VAL B 198 6.58 24.95 26.07
N PHE B 199 5.51 24.79 26.83
CA PHE B 199 4.17 24.58 26.23
C PHE B 199 3.78 25.75 25.32
N THR B 200 3.94 26.96 25.84
CA THR B 200 3.66 28.17 25.08
C THR B 200 4.62 28.35 23.91
N PHE B 201 5.89 28.02 24.12
CA PHE B 201 6.86 28.05 23.02
C PHE B 201 6.47 27.11 21.87
N ALA B 202 6.01 25.91 22.21
CA ALA B 202 5.51 24.96 21.21
C ALA B 202 4.29 25.50 20.44
N LYS B 203 3.37 26.12 21.18
CA LYS B 203 2.24 26.81 20.55
C LYS B 203 2.69 27.89 19.57
N LYS B 204 3.63 28.73 19.98
CA LYS B 204 4.11 29.83 19.15
C LYS B 204 4.89 29.36 17.93
N LEU B 205 5.61 28.25 18.06
CA LEU B 205 6.22 27.61 16.90
C LEU B 205 5.23 26.85 16.00
N ALA B 206 4.01 26.63 16.50
CA ALA B 206 3.04 25.70 15.92
C ALA B 206 3.70 24.35 15.65
N ALA B 207 4.40 23.84 16.65
CA ALA B 207 5.18 22.61 16.52
C ALA B 207 4.72 21.61 17.59
N PRO B 208 4.84 20.29 17.32
CA PRO B 208 4.46 19.31 18.33
C PRO B 208 5.32 19.37 19.58
N TYR B 209 4.65 19.41 20.73
CA TYR B 209 5.32 19.59 21.99
C TYR B 209 6.38 18.52 22.26
N ASP B 210 6.08 17.26 21.95
CA ASP B 210 7.02 16.16 22.21
C ASP B 210 8.32 16.37 21.45
N LEU B 211 8.25 16.81 20.19
CA LEU B 211 9.46 17.07 19.42
C LEU B 211 10.23 18.30 19.90
N VAL B 212 9.50 19.30 20.39
CA VAL B 212 10.14 20.48 21.01
C VAL B 212 10.95 20.02 22.23
N MET B 213 10.34 19.21 23.08
CA MET B 213 11.03 18.67 24.29
C MET B 213 12.20 17.77 23.93
N GLN B 214 12.05 16.95 22.90
CA GLN B 214 13.17 16.15 22.44
C GLN B 214 14.35 17.02 21.97
N THR B 215 14.05 18.09 21.25
CA THR B 215 15.06 19.05 20.80
C THR B 215 15.74 19.74 21.97
N LYS B 216 14.96 20.10 22.98
CA LYS B 216 15.49 20.68 24.21
C LYS B 216 16.46 19.72 24.89
N GLN B 217 16.07 18.45 25.02
CA GLN B 217 16.93 17.45 25.69
C GLN B 217 18.21 17.13 24.91
N LEU B 218 18.11 17.03 23.59
CA LEU B 218 19.28 16.78 22.74
C LEU B 218 20.20 17.99 22.58
N GLY B 219 19.65 19.19 22.66
CA GLY B 219 20.38 20.40 22.37
C GLY B 219 20.73 20.56 20.90
N ARG B 220 20.02 19.86 20.03
CA ARG B 220 20.19 19.96 18.58
C ARG B 220 18.94 19.38 17.90
N LEU B 221 18.88 19.50 16.58
CA LEU B 221 17.73 18.98 15.86
C LEU B 221 17.71 17.46 15.99
N PRO B 222 16.54 16.84 16.20
CA PRO B 222 16.48 15.36 16.33
C PRO B 222 16.84 14.54 15.09
N VAL B 223 17.10 15.20 13.97
CA VAL B 223 17.55 14.55 12.77
C VAL B 223 18.71 15.36 12.21
N VAL B 224 19.39 14.75 11.25
CA VAL B 224 20.46 15.40 10.51
C VAL B 224 19.93 16.71 9.86
N GLN B 225 20.72 17.78 9.97
CA GLN B 225 20.39 19.11 9.40
C GLN B 225 21.50 19.58 8.44
N PHE B 226 21.15 19.71 7.17
CA PHE B 226 22.06 20.24 6.15
C PHE B 226 21.64 21.64 5.76
N ALA B 227 22.59 22.44 5.29
CA ALA B 227 22.28 23.75 4.75
C ALA B 227 22.11 23.61 3.25
N ALA B 228 21.29 24.47 2.67
CA ALA B 228 21.15 24.55 1.24
C ALA B 228 20.71 25.96 0.83
N GLY B 229 21.08 26.35 -0.39
CA GLY B 229 20.60 27.57 -0.98
C GLY B 229 21.66 28.63 -1.05
N GLY B 230 22.25 28.75 -2.24
CA GLY B 230 23.21 29.80 -2.53
C GLY B 230 24.65 29.45 -2.22
N VAL B 231 24.94 28.18 -1.92
CA VAL B 231 26.33 27.76 -1.66
C VAL B 231 27.05 27.79 -3.02
N ALA B 232 27.89 28.79 -3.23
CA ALA B 232 28.58 29.01 -4.50
C ALA B 232 30.09 28.81 -4.43
N THR B 233 30.67 28.99 -3.24
CA THR B 233 32.11 28.91 -3.06
C THR B 233 32.48 28.01 -1.91
N PRO B 234 33.75 27.54 -1.89
CA PRO B 234 34.24 26.81 -0.71
C PRO B 234 34.03 27.56 0.61
N ALA B 235 34.24 28.87 0.59
CA ALA B 235 34.00 29.70 1.79
C ALA B 235 32.57 29.60 2.29
N ASP B 236 31.61 29.64 1.37
CA ASP B 236 30.19 29.49 1.72
C ASP B 236 29.92 28.17 2.42
N ALA B 237 30.47 27.09 1.86
CA ALA B 237 30.25 25.74 2.41
C ALA B 237 30.83 25.61 3.79
N ALA B 238 32.06 26.09 3.99
CA ALA B 238 32.69 26.04 5.29
C ALA B 238 31.94 26.92 6.32
N LEU B 239 31.42 28.06 5.87
CA LEU B 239 30.62 28.94 6.72
C LEU B 239 29.42 28.17 7.31
N MET B 240 28.71 27.43 6.46
CA MET B 240 27.55 26.66 6.90
C MET B 240 27.95 25.63 7.95
N MET B 241 29.09 24.97 7.74
CA MET B 241 29.60 24.03 8.72
C MET B 241 30.00 24.73 10.02
N GLN B 242 30.64 25.90 9.93
CA GLN B 242 31.00 26.62 11.17
C GLN B 242 29.78 27.14 11.94
N LEU B 243 28.67 27.39 11.24
CA LEU B 243 27.39 27.75 11.89
C LEU B 243 26.65 26.56 12.52
N GLY B 244 27.16 25.34 12.35
CA GLY B 244 26.64 24.17 13.07
C GLY B 244 25.86 23.16 12.21
N CYS B 245 25.85 23.32 10.89
CA CYS B 245 25.19 22.33 10.03
C CYS B 245 25.96 20.99 9.96
N ASP B 246 25.27 19.93 9.58
CA ASP B 246 25.87 18.58 9.48
C ASP B 246 26.42 18.30 8.09
N GLY B 247 26.12 19.17 7.13
CA GLY B 247 26.57 19.03 5.74
C GLY B 247 25.85 20.05 4.87
N VAL B 248 26.09 20.01 3.57
CA VAL B 248 25.50 20.98 2.66
C VAL B 248 24.99 20.32 1.39
N PHE B 249 23.92 20.88 0.85
CA PHE B 249 23.51 20.65 -0.53
C PHE B 249 24.10 21.76 -1.41
N VAL B 250 24.53 21.37 -2.61
CA VAL B 250 24.92 22.31 -3.63
C VAL B 250 24.14 21.92 -4.88
N GLY B 251 23.43 22.89 -5.46
CA GLY B 251 22.65 22.62 -6.66
C GLY B 251 23.31 23.31 -7.83
N SER B 252 23.06 24.61 -7.87
CA SER B 252 23.45 25.43 -9.01
C SER B 252 24.93 25.76 -8.98
N GLY B 253 25.47 25.99 -7.77
CA GLY B 253 26.83 26.51 -7.59
C GLY B 253 27.95 25.73 -8.27
N ILE B 254 27.75 24.43 -8.45
CA ILE B 254 28.74 23.59 -9.15
C ILE B 254 28.49 23.65 -10.65
N PHE B 255 27.29 23.22 -11.06
CA PHE B 255 27.02 23.03 -12.49
C PHE B 255 26.63 24.28 -13.28
N LYS B 256 26.46 25.43 -12.61
CA LYS B 256 26.40 26.75 -13.27
C LYS B 256 27.75 27.51 -13.17
N SER B 257 28.82 26.86 -12.72
CA SER B 257 30.16 27.48 -12.66
C SER B 257 31.00 27.13 -13.89
N GLY B 258 32.15 27.81 -13.99
CA GLY B 258 33.11 27.63 -15.07
C GLY B 258 33.81 26.27 -15.08
N ASP B 259 34.18 25.74 -13.92
CA ASP B 259 34.78 24.40 -13.82
C ASP B 259 34.09 23.58 -12.75
N PRO B 260 32.99 22.88 -13.13
CA PRO B 260 32.22 22.07 -12.17
C PRO B 260 33.05 21.03 -11.38
N ALA B 261 33.92 20.26 -12.04
CA ALA B 261 34.64 19.19 -11.36
C ALA B 261 35.61 19.68 -10.28
N ARG B 262 36.40 20.71 -10.62
N ARG B 262 36.40 20.71 -10.62
CA ARG B 262 37.34 21.26 -9.67
CA ARG B 262 37.35 21.26 -9.66
C ARG B 262 36.61 21.96 -8.52
C ARG B 262 36.61 21.96 -8.52
N ARG B 263 35.54 22.70 -8.85
CA ARG B 263 34.75 23.39 -7.82
C ARG B 263 34.07 22.37 -6.89
N ALA B 264 33.57 21.29 -7.46
CA ALA B 264 32.93 20.23 -6.68
C ALA B 264 33.87 19.66 -5.66
N ARG B 265 35.09 19.37 -6.09
CA ARG B 265 36.12 18.86 -5.21
C ARG B 265 36.49 19.85 -4.09
N ALA B 266 36.65 21.10 -4.49
CA ALA B 266 36.96 22.18 -3.55
C ALA B 266 35.91 22.31 -2.44
N ILE B 267 34.64 22.23 -2.83
CA ILE B 267 33.54 22.31 -1.86
C ILE B 267 33.53 21.10 -0.93
N VAL B 268 33.75 19.89 -1.46
CA VAL B 268 33.86 18.71 -0.60
C VAL B 268 34.98 18.85 0.43
N GLN B 269 36.14 19.31 -0.03
CA GLN B 269 37.29 19.51 0.88
C GLN B 269 37.00 20.59 1.92
N ALA B 270 36.32 21.66 1.50
CA ALA B 270 35.95 22.73 2.40
C ALA B 270 35.04 22.24 3.51
N VAL B 271 34.10 21.36 3.18
CA VAL B 271 33.20 20.78 4.22
C VAL B 271 33.96 19.83 5.15
N THR B 272 34.84 19.01 4.58
CA THR B 272 35.69 18.13 5.41
C THR B 272 36.67 18.91 6.30
N HIS B 273 37.23 20.00 5.79
CA HIS B 273 38.28 20.75 6.49
C HIS B 273 37.79 22.17 6.82
N TYR B 274 36.57 22.26 7.32
CA TYR B 274 35.89 23.56 7.48
C TYR B 274 36.54 24.52 8.47
N SER B 275 37.27 23.98 9.45
CA SER B 275 37.94 24.82 10.46
C SER B 275 39.45 25.03 10.17
N ASP B 276 39.90 24.78 8.94
CA ASP B 276 41.32 24.86 8.57
C ASP B 276 41.53 25.93 7.49
N PRO B 277 41.81 27.18 7.90
CA PRO B 277 41.87 28.25 6.92
C PRO B 277 42.95 28.06 5.85
N GLU B 278 44.05 27.42 6.22
CA GLU B 278 45.12 27.12 5.25
C GLU B 278 44.64 26.23 4.14
N MET B 279 43.90 25.19 4.50
CA MET B 279 43.28 24.32 3.51
C MET B 279 42.23 25.10 2.67
N LEU B 280 41.43 25.93 3.34
CA LEU B 280 40.40 26.73 2.62
C LEU B 280 41.00 27.65 1.58
N VAL B 281 42.18 28.25 1.89
CA VAL B 281 42.91 29.04 0.90
C VAL B 281 43.30 28.20 -0.30
N GLU B 282 43.91 27.04 -0.03
CA GLU B 282 44.42 26.17 -1.09
C GLU B 282 43.32 25.74 -2.05
N VAL B 283 42.19 25.26 -1.52
CA VAL B 283 41.10 24.79 -2.39
C VAL B 283 40.38 25.93 -3.10
N SER B 284 40.41 27.15 -2.53
CA SER B 284 39.76 28.29 -3.16
C SER B 284 40.63 28.95 -4.23
N CYS B 285 41.94 28.66 -4.18
CA CYS B 285 42.89 29.38 -5.02
C CYS B 285 42.80 28.90 -6.46
N GLY B 286 42.58 29.84 -7.37
CA GLY B 286 42.52 29.55 -8.80
C GLY B 286 41.43 28.59 -9.19
N LEU B 287 40.23 28.81 -8.66
CA LEU B 287 39.05 28.12 -9.16
C LEU B 287 38.64 29.02 -10.34
N GLY B 288 37.80 28.56 -11.24
CA GLY B 288 37.38 29.39 -12.37
C GLY B 288 36.31 30.35 -11.91
N GLU B 289 35.45 30.75 -12.83
CA GLU B 289 34.36 31.67 -12.53
C GLU B 289 33.31 30.94 -11.68
N ALA B 290 32.97 31.51 -10.54
CA ALA B 290 31.82 31.07 -9.75
C ALA B 290 30.55 31.37 -10.53
N MET B 291 29.42 30.74 -10.16
CA MET B 291 28.14 31.16 -10.77
C MET B 291 27.94 32.66 -10.42
N VAL B 292 27.60 33.47 -11.41
CA VAL B 292 27.45 34.92 -11.21
C VAL B 292 26.23 35.17 -10.30
N GLY B 293 25.14 34.47 -10.61
CA GLY B 293 23.96 34.50 -9.77
C GLY B 293 23.25 35.84 -9.84
N ILE B 294 22.39 36.08 -8.86
CA ILE B 294 21.53 37.28 -8.88
C ILE B 294 21.33 37.79 -7.45
N ASN B 295 21.52 39.10 -7.26
CA ASN B 295 21.20 39.75 -6.00
C ASN B 295 19.75 40.24 -6.10
N LEU B 296 18.84 39.57 -5.37
CA LEU B 296 17.41 39.93 -5.38
C LEU B 296 17.04 41.29 -4.71
N ASN B 297 17.97 41.98 -4.05
CA ASN B 297 17.76 43.41 -3.69
C ASN B 297 17.84 44.33 -4.92
N PRO C 22 -26.96 -0.76 -20.20
CA PRO C 22 -25.76 -1.50 -20.60
C PRO C 22 -24.87 -2.14 -19.49
N PHE C 23 -24.08 -3.08 -20.01
CA PHE C 23 -23.16 -3.83 -19.17
C PHE C 23 -22.13 -2.89 -18.51
N SER C 24 -21.57 -1.96 -19.29
CA SER C 24 -20.56 -1.02 -18.78
C SER C 24 -21.09 -0.17 -17.63
N VAL C 25 -22.40 0.11 -17.63
CA VAL C 25 -23.04 0.83 -16.52
C VAL C 25 -23.04 -0.01 -15.25
N LYS C 26 -23.36 -1.30 -15.39
CA LYS C 26 -23.37 -2.20 -14.23
C LYS C 26 -21.95 -2.35 -13.69
N VAL C 27 -20.99 -2.48 -14.58
CA VAL C 27 -19.59 -2.64 -14.21
C VAL C 27 -19.10 -1.37 -13.48
N GLY C 28 -19.52 -0.20 -13.97
CA GLY C 28 -19.24 1.06 -13.31
C GLY C 28 -19.83 1.20 -11.93
N LEU C 29 -21.06 0.76 -11.75
CA LEU C 29 -21.73 0.76 -10.44
C LEU C 29 -20.92 0.03 -9.40
N ALA C 30 -20.49 -1.19 -9.75
CA ALA C 30 -19.75 -2.05 -8.82
C ALA C 30 -18.40 -1.46 -8.40
N GLN C 31 -17.80 -0.64 -9.27
CA GLN C 31 -16.55 0.09 -8.96
C GLN C 31 -16.62 0.97 -7.73
N MET C 32 -17.82 1.42 -7.41
CA MET C 32 -18.07 2.15 -6.14
C MET C 32 -17.78 1.38 -4.85
N LEU C 33 -17.78 0.06 -4.92
CA LEU C 33 -17.58 -0.77 -3.74
C LEU C 33 -16.11 -1.02 -3.47
N ARG C 34 -15.24 -0.59 -4.39
CA ARG C 34 -13.80 -0.74 -4.23
C ARG C 34 -13.31 -0.17 -2.89
N GLY C 35 -12.49 -0.93 -2.17
CA GLY C 35 -12.02 -0.56 -0.83
C GLY C 35 -12.96 -0.94 0.28
N GLY C 36 -14.02 -1.69 -0.02
CA GLY C 36 -15.03 -2.01 0.98
C GLY C 36 -15.10 -3.44 1.46
N VAL C 37 -15.92 -3.62 2.51
CA VAL C 37 -16.25 -4.90 3.07
C VAL C 37 -17.75 -5.12 2.91
N ILE C 38 -18.12 -6.25 2.30
CA ILE C 38 -19.51 -6.65 2.19
C ILE C 38 -19.77 -7.70 3.26
N MET C 39 -20.80 -7.49 4.07
CA MET C 39 -21.09 -8.37 5.20
C MET C 39 -22.39 -9.14 5.00
N ASP C 40 -22.31 -10.48 5.12
CA ASP C 40 -23.49 -11.35 5.08
C ASP C 40 -24.31 -11.08 6.32
N VAL C 41 -25.62 -10.93 6.13
CA VAL C 41 -26.56 -10.69 7.23
C VAL C 41 -27.81 -11.55 7.02
N VAL C 42 -28.39 -12.05 8.12
CA VAL C 42 -29.57 -12.91 8.05
C VAL C 42 -30.84 -12.24 8.56
N ASN C 43 -30.70 -11.08 9.21
CA ASN C 43 -31.83 -10.28 9.66
C ASN C 43 -31.47 -8.80 9.76
N ALA C 44 -32.44 -7.96 10.12
CA ALA C 44 -32.26 -6.50 10.15
C ALA C 44 -31.32 -6.02 11.25
N GLU C 45 -31.19 -6.81 12.32
CA GLU C 45 -30.24 -6.48 13.39
C GLU C 45 -28.80 -6.61 12.88
N GLN C 46 -28.48 -7.76 12.29
CA GLN C 46 -27.17 -7.96 11.67
C GLN C 46 -26.88 -6.83 10.63
N ALA C 47 -27.88 -6.47 9.81
CA ALA C 47 -27.75 -5.38 8.80
C ALA C 47 -27.34 -4.03 9.37
N ARG C 48 -27.96 -3.65 10.49
CA ARG C 48 -27.62 -2.36 11.15
C ARG C 48 -26.23 -2.37 11.80
N ILE C 49 -25.87 -3.48 12.45
CA ILE C 49 -24.50 -3.67 12.96
C ILE C 49 -23.49 -3.50 11.82
N ALA C 50 -23.74 -4.13 10.67
CA ALA C 50 -22.86 -4.00 9.49
C ALA C 50 -22.74 -2.54 9.00
N GLU C 51 -23.86 -1.84 8.85
CA GLU C 51 -23.81 -0.46 8.39
C GLU C 51 -23.06 0.43 9.39
N GLU C 52 -23.32 0.24 10.68
CA GLU C 52 -22.64 1.01 11.74
C GLU C 52 -21.15 0.79 11.74
N ALA C 53 -20.72 -0.43 11.46
CA ALA C 53 -19.29 -0.77 11.40
C ALA C 53 -18.58 -0.22 10.16
N GLY C 54 -19.32 0.30 9.18
CA GLY C 54 -18.75 0.87 7.95
C GLY C 54 -18.70 -0.08 6.73
N ALA C 55 -19.52 -1.12 6.73
CA ALA C 55 -19.66 -1.99 5.54
C ALA C 55 -20.06 -1.17 4.33
N CYS C 56 -19.52 -1.51 3.14
CA CYS C 56 -19.92 -0.83 1.91
C CYS C 56 -21.24 -1.40 1.38
N ALA C 57 -21.62 -2.59 1.81
CA ALA C 57 -22.90 -3.20 1.44
C ALA C 57 -23.20 -4.38 2.34
N VAL C 58 -24.46 -4.78 2.41
CA VAL C 58 -24.88 -5.99 3.11
C VAL C 58 -25.39 -7.04 2.09
N MET C 59 -25.26 -8.31 2.49
CA MET C 59 -25.66 -9.46 1.67
C MET C 59 -26.71 -10.20 2.48
N ALA C 60 -27.96 -10.13 2.05
CA ALA C 60 -29.07 -10.81 2.71
C ALA C 60 -29.08 -12.29 2.31
N LEU C 61 -29.04 -13.18 3.31
CA LEU C 61 -29.15 -14.61 3.03
C LEU C 61 -29.81 -15.35 4.18
N GLU C 62 -30.23 -16.59 3.91
CA GLU C 62 -31.03 -17.37 4.87
C GLU C 62 -30.24 -17.75 6.12
N ARG C 63 -29.00 -18.19 5.91
CA ARG C 63 -28.13 -18.67 6.98
C ARG C 63 -26.69 -18.37 6.55
N VAL C 64 -25.83 -18.01 7.52
CA VAL C 64 -24.42 -17.75 7.19
C VAL C 64 -23.77 -19.06 6.72
N PRO C 65 -22.74 -18.97 5.85
CA PRO C 65 -22.16 -20.19 5.30
C PRO C 65 -21.75 -21.26 6.34
N ALA C 66 -21.22 -20.85 7.49
CA ALA C 66 -20.83 -21.82 8.56
C ALA C 66 -22.03 -22.64 9.08
N ASP C 67 -23.21 -22.01 9.13
CA ASP C 67 -24.45 -22.71 9.51
C ASP C 67 -24.99 -23.62 8.40
N ILE C 68 -24.86 -23.20 7.14
CA ILE C 68 -25.23 -24.06 6.00
C ILE C 68 -24.36 -25.33 6.02
N ARG C 69 -23.05 -25.14 6.22
CA ARG C 69 -22.09 -26.26 6.31
C ARG C 69 -22.47 -27.22 7.44
N ALA C 70 -22.64 -26.67 8.64
CA ALA C 70 -22.91 -27.47 9.84
C ALA C 70 -24.25 -28.20 9.80
N GLN C 71 -25.29 -27.54 9.29
CA GLN C 71 -26.67 -28.04 9.38
C GLN C 71 -27.11 -28.79 8.13
N GLY C 72 -26.52 -28.49 6.97
CA GLY C 72 -26.99 -29.05 5.70
C GLY C 72 -28.38 -28.56 5.36
N GLY C 73 -29.15 -29.37 4.61
CA GLY C 73 -30.46 -28.97 4.10
C GLY C 73 -30.30 -28.25 2.77
N VAL C 74 -31.40 -28.02 2.07
CA VAL C 74 -31.38 -27.27 0.82
C VAL C 74 -31.37 -25.78 1.17
N ALA C 75 -30.38 -25.06 0.67
CA ALA C 75 -30.27 -23.60 0.93
C ALA C 75 -30.73 -22.84 -0.29
N ARG C 76 -31.73 -21.98 -0.11
CA ARG C 76 -32.40 -21.26 -1.18
C ARG C 76 -32.31 -19.73 -0.96
N MET C 77 -32.81 -18.99 -1.92
CA MET C 77 -33.07 -17.56 -1.80
C MET C 77 -33.83 -17.32 -0.50
N SER C 78 -33.51 -16.22 0.18
CA SER C 78 -34.25 -15.83 1.38
C SER C 78 -35.66 -15.42 1.08
N ASP C 79 -36.53 -15.55 2.07
CA ASP C 79 -37.91 -15.08 1.96
C ASP C 79 -37.86 -13.60 1.59
N PRO C 80 -38.59 -13.18 0.54
CA PRO C 80 -38.67 -11.75 0.22
C PRO C 80 -39.01 -10.81 1.40
N GLN C 81 -39.79 -11.29 2.36
CA GLN C 81 -40.13 -10.47 3.52
C GLN C 81 -38.89 -10.08 4.34
N MET C 82 -38.02 -11.05 4.59
N MET C 82 -38.02 -11.05 4.59
CA MET C 82 -36.78 -10.79 5.32
CA MET C 82 -36.79 -10.77 5.33
C MET C 82 -35.86 -9.84 4.54
C MET C 82 -35.86 -9.85 4.55
N ILE C 83 -35.84 -9.98 3.22
CA ILE C 83 -35.03 -9.10 2.37
C ILE C 83 -35.57 -7.65 2.41
N LYS C 84 -36.88 -7.50 2.35
CA LYS C 84 -37.52 -6.18 2.48
C LYS C 84 -37.18 -5.51 3.82
N GLU C 85 -37.25 -6.29 4.90
CA GLU C 85 -36.87 -5.78 6.23
C GLU C 85 -35.43 -5.28 6.29
N ILE C 86 -34.51 -6.02 5.68
CA ILE C 86 -33.10 -5.58 5.59
C ILE C 86 -32.95 -4.32 4.74
N LYS C 87 -33.62 -4.28 3.59
CA LYS C 87 -33.51 -3.14 2.67
C LYS C 87 -34.02 -1.85 3.33
N GLN C 88 -35.08 -1.97 4.14
CA GLN C 88 -35.60 -0.83 4.92
C GLN C 88 -34.72 -0.39 6.10
N ALA C 89 -33.96 -1.32 6.66
CA ALA C 89 -33.14 -1.03 7.85
C ALA C 89 -31.80 -0.33 7.57
N VAL C 90 -31.39 -0.21 6.31
CA VAL C 90 -30.09 0.39 5.99
C VAL C 90 -30.19 1.25 4.77
N THR C 91 -29.22 2.14 4.58
CA THR C 91 -29.15 3.00 3.40
C THR C 91 -28.04 2.60 2.43
N ILE C 92 -27.12 1.73 2.88
CA ILE C 92 -26.08 1.20 2.00
C ILE C 92 -26.68 0.16 1.04
N PRO C 93 -26.01 -0.14 -0.09
CA PRO C 93 -26.53 -1.15 -1.03
C PRO C 93 -26.85 -2.51 -0.37
N VAL C 94 -27.92 -3.15 -0.84
CA VAL C 94 -28.35 -4.44 -0.34
C VAL C 94 -28.24 -5.44 -1.49
N MET C 95 -27.51 -6.51 -1.21
CA MET C 95 -27.33 -7.60 -2.15
C MET C 95 -28.09 -8.76 -1.58
N ALA C 96 -28.43 -9.73 -2.42
CA ALA C 96 -29.00 -10.98 -1.91
C ALA C 96 -28.64 -12.15 -2.81
N LYS C 97 -28.69 -13.35 -2.25
CA LYS C 97 -28.22 -14.56 -2.93
C LYS C 97 -29.33 -15.30 -3.64
N ALA C 98 -29.00 -15.80 -4.82
CA ALA C 98 -29.83 -16.71 -5.56
C ALA C 98 -29.01 -17.96 -5.86
N ARG C 99 -29.71 -19.08 -5.97
CA ARG C 99 -29.06 -20.34 -6.33
C ARG C 99 -28.54 -20.27 -7.76
N ILE C 100 -27.39 -20.89 -7.99
CA ILE C 100 -26.82 -20.95 -9.33
C ILE C 100 -27.81 -21.56 -10.31
N GLY C 101 -28.02 -20.85 -11.41
CA GLY C 101 -28.97 -21.22 -12.43
C GLY C 101 -30.43 -20.92 -12.15
N HIS C 102 -30.75 -20.41 -10.95
CA HIS C 102 -32.15 -20.22 -10.59
C HIS C 102 -32.57 -18.82 -11.01
N PHE C 103 -32.86 -18.69 -12.29
CA PHE C 103 -33.16 -17.39 -12.85
C PHE C 103 -34.48 -16.80 -12.36
N VAL C 104 -35.39 -17.62 -11.89
CA VAL C 104 -36.64 -17.12 -11.31
C VAL C 104 -36.41 -16.53 -9.90
N GLU C 105 -35.58 -17.16 -9.09
CA GLU C 105 -35.17 -16.55 -7.82
C GLU C 105 -34.57 -15.17 -8.10
N ALA C 106 -33.76 -15.06 -9.16
CA ALA C 106 -33.16 -13.78 -9.52
C ALA C 106 -34.20 -12.77 -9.99
N GLN C 107 -35.18 -13.20 -10.80
CA GLN C 107 -36.32 -12.34 -11.19
C GLN C 107 -37.05 -11.76 -9.99
N ILE C 108 -37.29 -12.59 -8.99
CA ILE C 108 -37.95 -12.21 -7.77
C ILE C 108 -37.12 -11.16 -7.02
N LEU C 109 -35.82 -11.44 -6.85
CA LEU C 109 -34.95 -10.51 -6.16
C LEU C 109 -34.92 -9.14 -6.83
N GLU C 110 -34.86 -9.12 -8.16
CA GLU C 110 -34.83 -7.90 -8.91
C GLU C 110 -36.13 -7.13 -8.72
N ALA C 111 -37.25 -7.85 -8.72
CA ALA C 111 -38.56 -7.24 -8.52
C ALA C 111 -38.76 -6.68 -7.10
N ILE C 112 -38.04 -7.19 -6.11
CA ILE C 112 -38.02 -6.61 -4.74
C ILE C 112 -37.34 -5.23 -4.70
N GLY C 113 -36.45 -4.94 -5.64
CA GLY C 113 -35.75 -3.66 -5.71
C GLY C 113 -34.46 -3.60 -4.91
N ILE C 114 -33.74 -4.70 -4.81
CA ILE C 114 -32.41 -4.68 -4.20
C ILE C 114 -31.39 -4.20 -5.22
N ASP C 115 -30.14 -4.07 -4.80
CA ASP C 115 -29.12 -3.42 -5.61
C ASP C 115 -28.25 -4.39 -6.39
N TYR C 116 -27.98 -5.56 -5.81
CA TYR C 116 -27.17 -6.61 -6.49
C TYR C 116 -27.71 -8.00 -6.18
N ILE C 117 -27.53 -8.91 -7.14
CA ILE C 117 -27.80 -10.32 -6.93
C ILE C 117 -26.47 -11.05 -6.93
N ASP C 118 -26.27 -11.91 -5.93
CA ASP C 118 -25.12 -12.80 -5.89
C ASP C 118 -25.60 -14.21 -6.27
N GLU C 119 -25.18 -14.66 -7.44
CA GLU C 119 -25.50 -16.01 -7.90
C GLU C 119 -24.48 -16.87 -7.20
N SER C 120 -24.89 -17.51 -6.11
CA SER C 120 -23.95 -17.96 -5.10
C SER C 120 -23.81 -19.47 -4.95
N GLU C 121 -22.57 -19.92 -5.01
CA GLU C 121 -22.26 -21.32 -4.75
C GLU C 121 -22.43 -21.78 -3.29
N VAL C 122 -22.67 -20.90 -2.33
CA VAL C 122 -22.92 -21.39 -0.97
C VAL C 122 -24.37 -21.89 -0.84
N LEU C 123 -25.27 -21.39 -1.68
CA LEU C 123 -26.62 -21.93 -1.76
C LEU C 123 -26.57 -23.23 -2.56
N THR C 124 -27.64 -24.02 -2.49
CA THR C 124 -27.69 -25.31 -3.16
C THR C 124 -27.86 -25.10 -4.66
N LEU C 125 -26.91 -25.61 -5.42
CA LEU C 125 -26.94 -25.52 -6.90
C LEU C 125 -28.33 -25.93 -7.44
N ALA C 126 -28.91 -25.11 -8.32
CA ALA C 126 -30.18 -25.43 -8.97
C ALA C 126 -29.98 -25.96 -10.38
N ASP C 127 -28.89 -25.57 -11.03
CA ASP C 127 -28.60 -25.99 -12.40
C ASP C 127 -27.13 -26.33 -12.43
N GLU C 128 -26.82 -27.62 -12.60
CA GLU C 128 -25.44 -28.08 -12.60
C GLU C 128 -24.68 -27.71 -13.87
N ASP C 129 -25.37 -27.44 -14.98
CA ASP C 129 -24.71 -27.19 -16.26
C ASP C 129 -24.70 -25.74 -16.76
N HIS C 130 -25.62 -24.90 -16.25
CA HIS C 130 -25.79 -23.54 -16.78
C HIS C 130 -25.99 -22.57 -15.64
N HIS C 131 -25.32 -21.43 -15.75
CA HIS C 131 -25.59 -20.30 -14.86
C HIS C 131 -26.71 -19.43 -15.44
N ILE C 132 -27.19 -18.50 -14.60
CA ILE C 132 -28.13 -17.51 -15.04
C ILE C 132 -27.57 -16.66 -16.18
N ASN C 133 -28.40 -16.39 -17.18
CA ASN C 133 -28.07 -15.45 -18.21
C ASN C 133 -28.30 -14.05 -17.60
N LYS C 134 -27.22 -13.49 -17.07
CA LYS C 134 -27.27 -12.28 -16.26
C LYS C 134 -27.48 -11.02 -17.10
N HIS C 135 -27.21 -11.10 -18.40
CA HIS C 135 -27.53 -10.00 -19.32
C HIS C 135 -29.04 -9.70 -19.43
N ASN C 136 -29.89 -10.64 -19.04
CA ASN C 136 -31.34 -10.46 -19.11
C ASN C 136 -31.88 -9.61 -17.96
N PHE C 137 -31.01 -9.13 -17.08
CA PHE C 137 -31.43 -8.41 -15.91
C PHE C 137 -30.88 -6.99 -15.93
N ARG C 138 -31.57 -6.08 -15.26
CA ARG C 138 -31.13 -4.68 -15.17
C ARG C 138 -30.18 -4.51 -13.99
N ILE C 139 -30.45 -5.25 -12.93
CA ILE C 139 -29.65 -5.28 -11.71
C ILE C 139 -28.25 -5.96 -11.95
N PRO C 140 -27.16 -5.41 -11.39
CA PRO C 140 -25.86 -6.09 -11.47
C PRO C 140 -25.76 -7.37 -10.64
N PHE C 141 -24.96 -8.32 -11.14
CA PHE C 141 -24.72 -9.59 -10.46
C PHE C 141 -23.27 -9.72 -10.02
N VAL C 142 -23.11 -10.38 -8.87
CA VAL C 142 -21.84 -10.92 -8.42
C VAL C 142 -21.86 -12.44 -8.66
N CYS C 143 -20.76 -12.99 -9.16
CA CYS C 143 -20.55 -14.45 -9.25
C CYS C 143 -19.21 -14.82 -8.65
N GLY C 144 -19.12 -16.07 -8.20
CA GLY C 144 -17.91 -16.62 -7.64
C GLY C 144 -16.98 -17.14 -8.72
N CYS C 145 -15.71 -17.31 -8.36
CA CYS C 145 -14.77 -18.03 -9.21
C CYS C 145 -13.64 -18.62 -8.37
N ARG C 146 -12.93 -19.58 -8.96
CA ARG C 146 -11.72 -20.15 -8.37
C ARG C 146 -10.51 -19.98 -9.26
N ASN C 147 -10.71 -19.54 -10.49
CA ASN C 147 -9.62 -19.35 -11.44
C ASN C 147 -10.06 -18.36 -12.50
N LEU C 148 -9.11 -17.94 -13.32
CA LEU C 148 -9.33 -16.87 -14.28
C LEU C 148 -10.34 -17.28 -15.35
N GLY C 149 -10.23 -18.52 -15.84
CA GLY C 149 -11.17 -19.04 -16.84
C GLY C 149 -12.61 -18.90 -16.37
N GLU C 150 -12.85 -19.34 -15.15
CA GLU C 150 -14.16 -19.29 -14.54
C GLU C 150 -14.66 -17.83 -14.38
N ALA C 151 -13.79 -16.95 -13.91
CA ALA C 151 -14.13 -15.51 -13.80
C ALA C 151 -14.58 -14.94 -15.12
N LEU C 152 -13.82 -15.21 -16.16
CA LEU C 152 -14.14 -14.70 -17.48
C LEU C 152 -15.43 -15.28 -18.07
N ARG C 153 -15.70 -16.57 -17.81
CA ARG C 153 -16.98 -17.16 -18.20
C ARG C 153 -18.15 -16.47 -17.49
N ARG C 154 -18.01 -16.20 -16.18
CA ARG C 154 -19.08 -15.53 -15.42
C ARG C 154 -19.31 -14.10 -15.95
N ILE C 155 -18.21 -13.39 -16.25
CA ILE C 155 -18.31 -12.06 -16.83
C ILE C 155 -19.01 -12.11 -18.18
N ARG C 156 -18.65 -13.05 -19.05
CA ARG C 156 -19.33 -13.15 -20.35
C ARG C 156 -20.84 -13.40 -20.25
N GLU C 157 -21.25 -14.17 -19.25
CA GLU C 157 -22.68 -14.38 -18.94
C GLU C 157 -23.37 -13.15 -18.35
N GLY C 158 -22.57 -12.16 -17.94
CA GLY C 158 -23.06 -10.85 -17.51
C GLY C 158 -22.77 -10.49 -16.07
N ALA C 159 -21.90 -11.22 -15.37
CA ALA C 159 -21.51 -10.81 -14.03
C ALA C 159 -20.79 -9.46 -14.09
N ALA C 160 -21.19 -8.53 -13.23
CA ALA C 160 -20.56 -7.20 -13.17
C ALA C 160 -19.48 -7.10 -12.10
N MET C 161 -19.33 -8.17 -11.32
CA MET C 161 -18.41 -8.23 -10.22
C MET C 161 -18.07 -9.68 -9.94
N ILE C 162 -16.83 -9.94 -9.54
CA ILE C 162 -16.38 -11.30 -9.26
C ILE C 162 -15.91 -11.43 -7.83
N ARG C 163 -16.34 -12.51 -7.21
CA ARG C 163 -15.93 -12.91 -5.87
C ARG C 163 -14.97 -14.10 -6.05
N THR C 164 -13.70 -13.93 -5.73
CA THR C 164 -12.74 -15.02 -5.82
C THR C 164 -12.81 -15.76 -4.51
N LYS C 165 -13.32 -17.00 -4.60
CA LYS C 165 -13.83 -17.73 -3.46
C LYS C 165 -12.94 -18.86 -2.97
N GLY C 166 -12.70 -18.89 -1.67
CA GLY C 166 -12.00 -19.99 -1.02
C GLY C 166 -13.00 -20.98 -0.45
N GLU C 167 -12.78 -21.35 0.82
CA GLU C 167 -13.66 -22.29 1.53
C GLU C 167 -14.75 -21.48 2.18
N ALA C 168 -15.97 -21.98 2.13
CA ALA C 168 -17.11 -21.33 2.74
C ALA C 168 -17.37 -21.96 4.10
N GLY C 169 -17.45 -21.12 5.13
CA GLY C 169 -17.91 -21.55 6.45
C GLY C 169 -16.91 -22.26 7.34
N THR C 170 -15.61 -22.11 7.08
CA THR C 170 -14.55 -22.79 7.85
C THR C 170 -13.63 -21.86 8.64
N GLY C 171 -13.61 -20.58 8.30
CA GLY C 171 -12.67 -19.64 8.90
C GLY C 171 -11.23 -19.85 8.47
N ASN C 172 -11.01 -20.65 7.41
CA ASN C 172 -9.66 -20.97 6.96
C ASN C 172 -9.40 -20.27 5.64
N ILE C 173 -8.44 -19.36 5.64
CA ILE C 173 -8.15 -18.49 4.51
C ILE C 173 -7.37 -19.17 3.37
N ILE C 174 -6.93 -20.41 3.58
CA ILE C 174 -6.02 -21.08 2.64
C ILE C 174 -6.48 -21.14 1.18
N GLU C 175 -7.74 -21.50 0.96
CA GLU C 175 -8.24 -21.65 -0.40
C GLU C 175 -8.48 -20.29 -1.06
N ALA C 176 -8.90 -19.28 -0.28
CA ALA C 176 -8.98 -17.90 -0.80
C ALA C 176 -7.62 -17.42 -1.26
N VAL C 177 -6.57 -17.66 -0.45
CA VAL C 177 -5.21 -17.29 -0.88
C VAL C 177 -4.87 -18.01 -2.18
N ARG C 178 -5.15 -19.31 -2.22
CA ARG C 178 -4.83 -20.10 -3.42
C ARG C 178 -5.51 -19.50 -4.66
N HIS C 179 -6.79 -19.20 -4.53
CA HIS C 179 -7.57 -18.77 -5.69
C HIS C 179 -7.26 -17.32 -6.11
N VAL C 180 -7.00 -16.45 -5.15
CA VAL C 180 -6.55 -15.09 -5.44
C VAL C 180 -5.21 -15.13 -6.15
N ARG C 181 -4.26 -15.92 -5.62
CA ARG C 181 -2.98 -16.05 -6.29
C ARG C 181 -3.11 -16.64 -7.70
N SER C 182 -4.06 -17.56 -7.89
CA SER C 182 -4.25 -18.19 -9.18
C SER C 182 -4.76 -17.16 -10.21
N VAL C 183 -5.83 -16.45 -9.85
CA VAL C 183 -6.42 -15.46 -10.76
C VAL C 183 -5.42 -14.36 -11.08
N ASN C 184 -4.82 -13.76 -10.05
CA ASN C 184 -3.88 -12.69 -10.26
C ASN C 184 -2.61 -13.14 -10.95
N GLY C 185 -2.16 -14.34 -10.63
CA GLY C 185 -0.99 -14.91 -11.29
C GLY C 185 -1.18 -15.13 -12.78
N ASP C 186 -2.34 -15.66 -13.16
CA ASP C 186 -2.68 -15.84 -14.58
C ASP C 186 -2.84 -14.51 -15.31
N ILE C 187 -3.40 -13.51 -14.64
CA ILE C 187 -3.47 -12.17 -15.23
C ILE C 187 -2.08 -11.63 -15.51
N ARG C 188 -1.15 -11.79 -14.57
CA ARG C 188 0.22 -11.34 -14.75
C ARG C 188 0.96 -12.08 -15.87
N VAL C 189 0.71 -13.38 -15.99
CA VAL C 189 1.26 -14.19 -17.10
C VAL C 189 0.74 -13.63 -18.44
N LEU C 190 -0.55 -13.34 -18.45
CA LEU C 190 -1.23 -12.90 -19.66
C LEU C 190 -0.69 -11.55 -20.15
N ARG C 191 -0.38 -10.62 -19.25
CA ARG C 191 0.10 -9.28 -19.63
C ARG C 191 1.31 -9.25 -20.55
N ASN C 192 2.26 -10.13 -20.29
CA ASN C 192 3.51 -10.19 -21.02
C ASN C 192 3.55 -11.27 -22.11
N MET C 193 2.44 -11.99 -22.27
CA MET C 193 2.43 -13.16 -23.14
C MET C 193 2.58 -12.71 -24.58
N ASP C 194 3.32 -13.49 -25.36
CA ASP C 194 3.34 -13.34 -26.81
C ASP C 194 1.89 -13.32 -27.32
N ASP C 195 1.49 -12.27 -28.04
CA ASP C 195 0.10 -12.19 -28.60
C ASP C 195 -0.33 -13.44 -29.37
N ASP C 196 0.60 -14.04 -30.09
CA ASP C 196 0.28 -15.20 -30.91
C ASP C 196 -0.10 -16.45 -30.07
N GLU C 197 0.30 -16.46 -28.80
CA GLU C 197 0.03 -17.56 -27.90
C GLU C 197 -1.28 -17.38 -27.14
N VAL C 198 -1.90 -16.21 -27.25
CA VAL C 198 -3.11 -15.93 -26.47
C VAL C 198 -4.33 -16.76 -26.94
N PHE C 199 -4.38 -17.12 -28.23
CA PHE C 199 -5.47 -17.96 -28.73
C PHE C 199 -5.52 -19.31 -28.01
N THR C 200 -4.36 -19.94 -27.91
CA THR C 200 -4.24 -21.21 -27.20
C THR C 200 -4.50 -21.05 -25.71
N PHE C 201 -4.04 -19.94 -25.14
CA PHE C 201 -4.31 -19.66 -23.73
C PHE C 201 -5.80 -19.56 -23.43
N ALA C 202 -6.53 -18.88 -24.32
CA ALA C 202 -7.99 -18.78 -24.20
C ALA C 202 -8.67 -20.15 -24.31
N LYS C 203 -8.19 -20.98 -25.23
CA LYS C 203 -8.67 -22.35 -25.34
C LYS C 203 -8.45 -23.11 -24.05
N LYS C 204 -7.26 -23.01 -23.48
CA LYS C 204 -6.91 -23.76 -22.26
C LYS C 204 -7.67 -23.28 -21.04
N LEU C 205 -7.94 -21.98 -20.97
CA LEU C 205 -8.82 -21.44 -19.93
C LEU C 205 -10.31 -21.76 -20.16
N ALA C 206 -10.65 -22.22 -21.37
CA ALA C 206 -12.03 -22.33 -21.84
C ALA C 206 -12.78 -21.02 -21.59
N ALA C 207 -12.15 -19.92 -22.01
CA ALA C 207 -12.67 -18.58 -21.75
C ALA C 207 -12.78 -17.84 -23.08
N PRO C 208 -13.71 -16.87 -23.18
CA PRO C 208 -13.85 -16.13 -24.43
C PRO C 208 -12.63 -15.29 -24.76
N TYR C 209 -12.14 -15.43 -25.98
CA TYR C 209 -10.92 -14.79 -26.41
C TYR C 209 -10.96 -13.28 -26.24
N ASP C 210 -12.08 -12.65 -26.58
CA ASP C 210 -12.19 -11.19 -26.47
C ASP C 210 -11.99 -10.71 -25.03
N LEU C 211 -12.56 -11.41 -24.05
CA LEU C 211 -12.35 -11.07 -22.64
C LEU C 211 -10.94 -11.34 -22.16
N VAL C 212 -10.30 -12.39 -22.70
CA VAL C 212 -8.90 -12.68 -22.37
C VAL C 212 -8.02 -11.49 -22.85
N MET C 213 -8.25 -11.06 -24.09
CA MET C 213 -7.51 -9.90 -24.64
C MET C 213 -7.81 -8.61 -23.91
N GLN C 214 -9.06 -8.39 -23.51
CA GLN C 214 -9.38 -7.23 -22.69
C GLN C 214 -8.64 -7.24 -21.35
N THR C 215 -8.58 -8.42 -20.71
CA THR C 215 -7.81 -8.60 -19.47
C THR C 215 -6.33 -8.32 -19.68
N LYS C 216 -5.79 -8.81 -20.80
CA LYS C 216 -4.39 -8.57 -21.14
C LYS C 216 -4.09 -7.08 -21.30
N GLN C 217 -4.97 -6.38 -22.01
CA GLN C 217 -4.78 -4.92 -22.22
C GLN C 217 -4.94 -4.10 -20.95
N LEU C 218 -5.93 -4.42 -20.14
CA LEU C 218 -6.10 -3.74 -18.83
C LEU C 218 -5.02 -4.07 -17.81
N GLY C 219 -4.47 -5.29 -17.87
CA GLY C 219 -3.58 -5.80 -16.83
C GLY C 219 -4.27 -6.10 -15.51
N ARG C 220 -5.58 -6.28 -15.54
CA ARG C 220 -6.37 -6.64 -14.37
C ARG C 220 -7.73 -7.20 -14.81
N LEU C 221 -8.51 -7.70 -13.88
CA LEU C 221 -9.81 -8.25 -14.24
C LEU C 221 -10.69 -7.11 -14.75
N PRO C 222 -11.50 -7.35 -15.80
CA PRO C 222 -12.33 -6.27 -16.36
C PRO C 222 -13.48 -5.81 -15.47
N VAL C 223 -13.68 -6.45 -14.34
CA VAL C 223 -14.66 -6.03 -13.36
C VAL C 223 -14.01 -6.05 -12.00
N VAL C 224 -14.70 -5.46 -11.04
CA VAL C 224 -14.28 -5.47 -9.64
C VAL C 224 -14.10 -6.92 -9.15
N GLN C 225 -13.01 -7.17 -8.41
CA GLN C 225 -12.69 -8.50 -7.85
C GLN C 225 -12.52 -8.44 -6.33
N PHE C 226 -13.42 -9.09 -5.60
CA PHE C 226 -13.35 -9.17 -4.15
C PHE C 226 -12.91 -10.57 -3.75
N ALA C 227 -12.30 -10.68 -2.58
CA ALA C 227 -11.97 -12.00 -2.00
C ALA C 227 -13.07 -12.42 -1.07
N ALA C 228 -13.27 -13.72 -0.95
CA ALA C 228 -14.23 -14.27 -0.02
C ALA C 228 -13.83 -15.67 0.39
N GLY C 229 -14.23 -16.06 1.59
CA GLY C 229 -14.04 -17.42 2.06
C GLY C 229 -12.95 -17.56 3.10
N GLY C 230 -13.38 -17.61 4.34
CA GLY C 230 -12.50 -17.84 5.47
C GLY C 230 -11.88 -16.60 6.08
N VAL C 231 -12.35 -15.40 5.68
CA VAL C 231 -11.84 -14.16 6.28
C VAL C 231 -12.38 -14.08 7.71
N ALA C 232 -11.52 -14.34 8.68
CA ALA C 232 -11.93 -14.43 10.09
C ALA C 232 -11.35 -13.31 10.95
N THR C 233 -10.22 -12.73 10.52
CA THR C 233 -9.51 -11.75 11.30
C THR C 233 -9.18 -10.52 10.46
N PRO C 234 -8.87 -9.39 11.13
CA PRO C 234 -8.34 -8.24 10.40
C PRO C 234 -7.11 -8.55 9.55
N ALA C 235 -6.21 -9.37 10.08
CA ALA C 235 -5.03 -9.81 9.32
C ALA C 235 -5.40 -10.49 8.00
N ASP C 236 -6.39 -11.36 8.04
CA ASP C 236 -6.87 -12.05 6.84
C ASP C 236 -7.38 -11.06 5.78
N ALA C 237 -8.16 -10.08 6.22
CA ALA C 237 -8.73 -9.08 5.33
C ALA C 237 -7.66 -8.23 4.68
N ALA C 238 -6.68 -7.78 5.46
CA ALA C 238 -5.59 -7.00 4.93
C ALA C 238 -4.71 -7.80 3.99
N LEU C 239 -4.53 -9.09 4.30
CA LEU C 239 -3.79 -9.99 3.41
C LEU C 239 -4.41 -10.01 2.00
N MET C 240 -5.73 -10.16 1.94
CA MET C 240 -6.43 -10.20 0.64
C MET C 240 -6.21 -8.91 -0.14
N MET C 241 -6.22 -7.78 0.58
CA MET C 241 -5.96 -6.49 -0.06
C MET C 241 -4.53 -6.39 -0.53
N GLN C 242 -3.57 -6.84 0.28
CA GLN C 242 -2.16 -6.82 -0.17
C GLN C 242 -1.87 -7.75 -1.34
N LEU C 243 -2.65 -8.83 -1.48
CA LEU C 243 -2.59 -9.69 -2.68
C LEU C 243 -3.26 -9.10 -3.95
N GLY C 244 -3.90 -7.93 -3.84
CA GLY C 244 -4.41 -7.22 -5.00
C GLY C 244 -5.92 -7.22 -5.19
N CYS C 245 -6.69 -7.73 -4.21
CA CYS C 245 -8.15 -7.67 -4.32
C CYS C 245 -8.69 -6.22 -4.15
N ASP C 246 -9.89 -5.98 -4.63
CA ASP C 246 -10.54 -4.67 -4.53
C ASP C 246 -11.35 -4.50 -3.26
N GLY C 247 -11.57 -5.58 -2.52
CA GLY C 247 -12.38 -5.58 -1.30
C GLY C 247 -12.60 -7.01 -0.85
N VAL C 248 -13.37 -7.20 0.21
CA VAL C 248 -13.62 -8.54 0.77
C VAL C 248 -15.08 -8.74 1.17
N PHE C 249 -15.55 -9.98 1.03
CA PHE C 249 -16.76 -10.44 1.66
C PHE C 249 -16.41 -11.12 2.97
N VAL C 250 -17.23 -10.91 3.98
CA VAL C 250 -17.13 -11.63 5.24
C VAL C 250 -18.52 -12.19 5.52
N GLY C 251 -18.61 -13.49 5.74
CA GLY C 251 -19.88 -14.14 6.03
C GLY C 251 -19.91 -14.54 7.48
N SER C 252 -19.26 -15.66 7.72
CA SER C 252 -19.30 -16.33 9.01
C SER C 252 -18.43 -15.63 10.03
N GLY C 253 -17.28 -15.10 9.59
CA GLY C 253 -16.22 -14.59 10.47
C GLY C 253 -16.65 -13.52 11.46
N ILE C 254 -17.67 -12.74 11.10
CA ILE C 254 -18.20 -11.71 12.00
C ILE C 254 -19.24 -12.33 12.91
N PHE C 255 -20.30 -12.88 12.32
CA PHE C 255 -21.46 -13.32 13.10
C PHE C 255 -21.36 -14.68 13.78
N LYS C 256 -20.29 -15.45 13.50
CA LYS C 256 -19.92 -16.62 14.32
C LYS C 256 -18.79 -16.31 15.33
N SER C 257 -18.45 -15.03 15.52
CA SER C 257 -17.43 -14.63 16.49
C SER C 257 -18.07 -14.19 17.82
N GLY C 258 -17.20 -13.99 18.81
CA GLY C 258 -17.60 -13.53 20.14
C GLY C 258 -18.14 -12.12 20.22
N ASP C 259 -17.56 -11.18 19.48
CA ASP C 259 -18.06 -9.78 19.43
C ASP C 259 -18.19 -9.32 17.98
N PRO C 260 -19.35 -9.61 17.35
CA PRO C 260 -19.58 -9.24 15.94
C PRO C 260 -19.36 -7.75 15.61
N ALA C 261 -19.87 -6.83 16.44
CA ALA C 261 -19.78 -5.40 16.11
C ALA C 261 -18.36 -4.85 16.09
N ARG C 262 -17.59 -5.19 17.14
CA ARG C 262 -16.22 -4.75 17.20
C ARG C 262 -15.37 -5.40 16.11
N ARG C 263 -15.59 -6.70 15.87
CA ARG C 263 -14.84 -7.41 14.83
C ARG C 263 -15.16 -6.83 13.46
N ALA C 264 -16.44 -6.53 13.22
CA ALA C 264 -16.88 -5.93 11.96
C ALA C 264 -16.16 -4.64 11.67
N ARG C 265 -16.08 -3.79 12.68
CA ARG C 265 -15.38 -2.53 12.57
C ARG C 265 -13.88 -2.72 12.28
N ALA C 266 -13.27 -3.65 13.02
CA ALA C 266 -11.85 -3.94 12.86
C ALA C 266 -11.53 -4.38 11.44
N ILE C 267 -12.38 -5.22 10.87
CA ILE C 267 -12.19 -5.70 9.50
C ILE C 267 -12.33 -4.57 8.49
N VAL C 268 -13.33 -3.70 8.69
CA VAL C 268 -13.48 -2.52 7.80
C VAL C 268 -12.23 -1.65 7.83
N GLN C 269 -11.71 -1.41 9.03
CA GLN C 269 -10.50 -0.59 9.18
C GLN C 269 -9.29 -1.26 8.56
N ALA C 270 -9.21 -2.58 8.71
CA ALA C 270 -8.10 -3.35 8.15
C ALA C 270 -8.08 -3.23 6.63
N VAL C 271 -9.26 -3.27 6.01
CA VAL C 271 -9.34 -3.12 4.55
C VAL C 271 -8.99 -1.71 4.11
N THR C 272 -9.48 -0.71 4.83
CA THR C 272 -9.12 0.68 4.55
C THR C 272 -7.62 0.97 4.76
N HIS C 273 -7.02 0.38 5.79
CA HIS C 273 -5.63 0.68 6.17
C HIS C 273 -4.73 -0.55 6.00
N TYR C 274 -4.90 -1.25 4.88
CA TYR C 274 -4.31 -2.59 4.73
C TYR C 274 -2.78 -2.60 4.70
N SER C 275 -2.17 -1.48 4.33
CA SER C 275 -0.69 -1.40 4.29
C SER C 275 -0.08 -0.72 5.51
N ASP C 276 -0.83 -0.60 6.61
CA ASP C 276 -0.38 0.13 7.82
C ASP C 276 -0.33 -0.83 9.02
N PRO C 277 0.83 -1.46 9.26
CA PRO C 277 0.90 -2.47 10.31
C PRO C 277 0.58 -1.94 11.70
N GLU C 278 0.92 -0.69 11.98
CA GLU C 278 0.57 -0.07 13.26
CA GLU C 278 0.59 -0.06 13.27
C GLU C 278 -0.92 -0.04 13.49
N MET C 279 -1.65 0.37 12.47
CA MET C 279 -3.12 0.36 12.52
C MET C 279 -3.64 -1.08 12.67
N LEU C 280 -3.05 -2.02 11.92
CA LEU C 280 -3.49 -3.43 11.99
C LEU C 280 -3.33 -4.02 13.38
N VAL C 281 -2.23 -3.66 14.07
CA VAL C 281 -2.05 -4.03 15.49
C VAL C 281 -3.18 -3.50 16.35
N GLU C 282 -3.45 -2.19 16.22
CA GLU C 282 -4.48 -1.54 17.05
C GLU C 282 -5.84 -2.18 16.90
N VAL C 283 -6.29 -2.39 15.66
CA VAL C 283 -7.62 -2.95 15.45
C VAL C 283 -7.71 -4.42 15.83
N SER C 284 -6.57 -5.13 15.77
CA SER C 284 -6.57 -6.55 16.13
C SER C 284 -6.47 -6.77 17.63
N CYS C 285 -6.03 -5.75 18.36
CA CYS C 285 -5.69 -5.90 19.76
C CYS C 285 -6.96 -6.00 20.60
N GLY C 286 -7.05 -7.07 21.38
CA GLY C 286 -8.19 -7.29 22.27
C GLY C 286 -9.53 -7.38 21.57
N LEU C 287 -9.59 -8.16 20.48
CA LEU C 287 -10.87 -8.54 19.89
C LEU C 287 -11.23 -9.76 20.73
N GLY C 288 -12.48 -10.21 20.70
CA GLY C 288 -12.86 -11.39 21.47
C GLY C 288 -12.44 -12.64 20.72
N GLU C 289 -13.18 -13.72 20.93
CA GLU C 289 -12.90 -14.99 20.28
C GLU C 289 -13.27 -14.89 18.80
N ALA C 290 -12.31 -15.22 17.94
CA ALA C 290 -12.57 -15.38 16.51
C ALA C 290 -13.46 -16.62 16.33
N MET C 291 -14.10 -16.77 15.17
CA MET C 291 -14.79 -18.05 14.89
C MET C 291 -13.74 -19.16 14.92
N VAL C 292 -14.03 -20.25 15.64
CA VAL C 292 -13.08 -21.35 15.82
C VAL C 292 -12.86 -22.04 14.47
N GLY C 293 -13.96 -22.29 13.77
CA GLY C 293 -13.92 -22.82 12.43
C GLY C 293 -13.45 -24.26 12.39
N ILE C 294 -13.03 -24.71 11.22
CA ILE C 294 -12.66 -26.11 11.02
C ILE C 294 -11.51 -26.21 10.02
N ASN C 295 -10.49 -26.98 10.38
CA ASN C 295 -9.42 -27.31 9.47
C ASN C 295 -9.82 -28.60 8.73
N LEU C 296 -10.16 -28.47 7.45
CA LEU C 296 -10.55 -29.63 6.60
C LEU C 296 -9.38 -30.55 6.16
N ASN C 297 -8.14 -30.04 6.21
CA ASN C 297 -6.92 -30.72 5.73
C ASN C 297 -5.99 -31.12 6.88
N LYS D 20 28.11 -7.93 8.50
CA LYS D 20 27.73 -6.59 7.96
C LYS D 20 26.36 -6.53 7.25
N SER D 21 26.00 -7.53 6.44
CA SER D 21 24.68 -7.54 5.74
C SER D 21 23.53 -7.65 6.74
N PRO D 22 22.32 -7.17 6.38
CA PRO D 22 21.25 -7.29 7.37
C PRO D 22 20.93 -8.75 7.71
N PHE D 23 21.02 -9.68 6.76
CA PHE D 23 20.76 -11.10 7.04
C PHE D 23 21.77 -11.67 8.05
N SER D 24 23.06 -11.40 7.85
CA SER D 24 24.10 -11.85 8.77
C SER D 24 23.91 -11.34 10.19
N VAL D 25 23.33 -10.14 10.35
CA VAL D 25 22.99 -9.60 11.68
C VAL D 25 21.88 -10.42 12.35
N LYS D 26 20.86 -10.80 11.58
CA LYS D 26 19.78 -11.63 12.11
C LYS D 26 20.31 -13.01 12.49
N VAL D 27 21.17 -13.56 11.65
CA VAL D 27 21.76 -14.87 11.88
C VAL D 27 22.61 -14.82 13.15
N GLY D 28 23.35 -13.72 13.32
CA GLY D 28 24.14 -13.49 14.52
C GLY D 28 23.31 -13.39 15.79
N LEU D 29 22.18 -12.71 15.72
CA LEU D 29 21.23 -12.59 16.85
C LEU D 29 20.80 -13.94 17.38
N ALA D 30 20.39 -14.82 16.46
CA ALA D 30 19.91 -16.15 16.82
C ALA D 30 21.00 -17.04 17.45
N GLN D 31 22.26 -16.80 17.13
CA GLN D 31 23.41 -17.49 17.76
C GLN D 31 23.47 -17.36 19.28
N MET D 32 22.92 -16.27 19.80
CA MET D 32 22.80 -16.05 21.24
C MET D 32 21.93 -17.07 21.98
N LEU D 33 21.07 -17.78 21.24
CA LEU D 33 20.19 -18.78 21.82
C LEU D 33 20.83 -20.15 21.95
N ARG D 34 22.00 -20.33 21.36
CA ARG D 34 22.67 -21.65 21.38
C ARG D 34 22.80 -22.16 22.80
N GLY D 35 22.52 -23.43 23.00
CA GLY D 35 22.59 -24.07 24.30
C GLY D 35 21.33 -23.88 25.11
N GLY D 36 20.27 -23.33 24.49
CA GLY D 36 19.05 -23.02 25.20
C GLY D 36 17.84 -23.86 24.87
N VAL D 37 16.81 -23.66 25.70
CA VAL D 37 15.52 -24.25 25.56
C VAL D 37 14.52 -23.11 25.33
N ILE D 38 13.74 -23.21 24.26
CA ILE D 38 12.66 -22.28 23.99
C ILE D 38 11.37 -22.97 24.38
N MET D 39 10.58 -22.30 25.20
CA MET D 39 9.35 -22.89 25.74
C MET D 39 8.11 -22.21 25.21
N ASP D 40 7.19 -23.00 24.64
CA ASP D 40 5.90 -22.49 24.19
C ASP D 40 5.10 -22.10 25.41
N VAL D 41 4.48 -20.91 25.35
CA VAL D 41 3.65 -20.41 26.44
C VAL D 41 2.36 -19.79 25.85
N VAL D 42 1.25 -19.95 26.55
CA VAL D 42 -0.05 -19.44 26.07
C VAL D 42 -0.54 -18.23 26.88
N ASN D 43 0.08 -17.96 28.03
CA ASN D 43 -0.24 -16.80 28.83
C ASN D 43 0.97 -16.34 29.66
N ALA D 44 0.81 -15.26 30.42
CA ALA D 44 1.92 -14.65 31.19
C ALA D 44 2.41 -15.48 32.36
N GLU D 45 1.53 -16.34 32.90
CA GLU D 45 1.91 -17.26 33.96
C GLU D 45 2.90 -18.31 33.42
N GLN D 46 2.53 -18.98 32.32
CA GLN D 46 3.44 -19.93 31.67
C GLN D 46 4.80 -19.23 31.35
N ALA D 47 4.75 -17.99 30.84
CA ALA D 47 5.98 -17.21 30.51
C ALA D 47 6.94 -17.02 31.67
N ARG D 48 6.40 -16.69 32.85
CA ARG D 48 7.23 -16.50 34.05
C ARG D 48 7.82 -17.81 34.58
N ILE D 49 7.02 -18.88 34.58
CA ILE D 49 7.52 -20.22 34.89
C ILE D 49 8.71 -20.55 33.98
N ALA D 50 8.56 -20.32 32.67
CA ALA D 50 9.65 -20.57 31.71
C ALA D 50 10.91 -19.77 32.00
N GLU D 51 10.77 -18.47 32.25
CA GLU D 51 11.94 -17.66 32.55
C GLU D 51 12.63 -18.11 33.85
N GLU D 52 11.83 -18.42 34.87
CA GLU D 52 12.39 -18.88 36.15
C GLU D 52 13.14 -20.19 36.02
N ALA D 53 12.66 -21.08 35.16
CA ALA D 53 13.30 -22.37 34.91
C ALA D 53 14.60 -22.25 34.10
N GLY D 54 14.88 -21.08 33.53
CA GLY D 54 16.09 -20.85 32.74
C GLY D 54 15.95 -20.98 31.21
N ALA D 55 14.72 -20.86 30.70
CA ALA D 55 14.49 -20.82 29.24
C ALA D 55 15.28 -19.68 28.61
N CYS D 56 15.83 -19.91 27.41
CA CYS D 56 16.54 -18.85 26.69
C CYS D 56 15.54 -17.91 26.00
N ALA D 57 14.31 -18.37 25.77
CA ALA D 57 13.26 -17.56 25.16
C ALA D 57 11.93 -18.22 25.36
N VAL D 58 10.87 -17.43 25.22
CA VAL D 58 9.50 -17.97 25.21
C VAL D 58 8.86 -17.79 23.83
N MET D 59 7.91 -18.66 23.52
CA MET D 59 7.20 -18.68 22.24
C MET D 59 5.72 -18.50 22.58
N ALA D 60 5.19 -17.33 22.26
CA ALA D 60 3.78 -17.01 22.51
C ALA D 60 2.90 -17.64 21.42
N LEU D 61 1.94 -18.46 21.83
CA LEU D 61 0.99 -19.04 20.87
C LEU D 61 -0.36 -19.27 21.52
N GLU D 62 -1.37 -19.49 20.66
CA GLU D 62 -2.77 -19.57 21.12
C GLU D 62 -3.02 -20.80 22.00
N ARG D 63 -2.50 -21.95 21.57
CA ARG D 63 -2.71 -23.23 22.23
C ARG D 63 -1.47 -24.08 21.99
N VAL D 64 -1.07 -24.88 22.98
CA VAL D 64 0.11 -25.75 22.80
C VAL D 64 -0.22 -26.82 21.73
N PRO D 65 0.81 -27.31 21.00
CA PRO D 65 0.53 -28.23 19.88
C PRO D 65 -0.34 -29.46 20.22
N ALA D 66 -0.19 -30.03 21.41
CA ALA D 66 -1.04 -31.17 21.85
C ALA D 66 -2.54 -30.80 21.89
N ASP D 67 -2.85 -29.57 22.28
CA ASP D 67 -4.24 -29.07 22.28
C ASP D 67 -4.77 -28.78 20.87
N ILE D 68 -3.91 -28.25 20.00
CA ILE D 68 -4.28 -28.03 18.58
C ILE D 68 -4.62 -29.37 17.93
N ARG D 69 -3.77 -30.38 18.19
CA ARG D 69 -3.99 -31.75 17.69
C ARG D 69 -5.33 -32.32 18.20
N ALA D 70 -5.52 -32.29 19.51
CA ALA D 70 -6.70 -32.87 20.16
C ALA D 70 -8.01 -32.17 19.79
N GLN D 71 -7.98 -30.83 19.70
CA GLN D 71 -9.21 -30.04 19.53
C GLN D 71 -9.52 -29.68 18.08
N GLY D 72 -8.49 -29.60 17.23
CA GLY D 72 -8.67 -29.12 15.85
C GLY D 72 -9.04 -27.65 15.84
N GLY D 73 -9.78 -27.23 14.80
CA GLY D 73 -10.12 -25.82 14.59
C GLY D 73 -9.01 -25.13 13.80
N VAL D 74 -9.25 -23.91 13.35
CA VAL D 74 -8.23 -23.13 12.65
C VAL D 74 -7.34 -22.49 13.70
N ALA D 75 -6.04 -22.73 13.61
CA ALA D 75 -5.07 -22.14 14.57
C ALA D 75 -4.35 -20.99 13.91
N ARG D 76 -4.43 -19.80 14.53
CA ARG D 76 -3.93 -18.56 13.97
C ARG D 76 -2.93 -17.91 14.91
N MET D 77 -2.34 -16.82 14.44
CA MET D 77 -1.54 -15.91 15.28
C MET D 77 -2.35 -15.59 16.54
N SER D 78 -1.66 -15.50 17.68
CA SER D 78 -2.30 -15.10 18.93
C SER D 78 -2.76 -13.65 18.91
N ASP D 79 -3.76 -13.36 19.73
CA ASP D 79 -4.24 -11.98 19.89
C ASP D 79 -3.05 -11.13 20.32
N PRO D 80 -2.81 -10.00 19.65
CA PRO D 80 -1.72 -9.09 20.07
C PRO D 80 -1.74 -8.72 21.55
N GLN D 81 -2.92 -8.65 22.16
CA GLN D 81 -3.01 -8.32 23.59
C GLN D 81 -2.31 -9.37 24.45
N MET D 82 -2.53 -10.65 24.17
N MET D 82 -2.56 -10.64 24.17
CA MET D 82 -1.90 -11.73 24.91
CA MET D 82 -1.90 -11.73 24.90
C MET D 82 -0.37 -11.73 24.69
C MET D 82 -0.38 -11.76 24.68
N ILE D 83 0.06 -11.40 23.48
CA ILE D 83 1.49 -11.30 23.19
C ILE D 83 2.15 -10.14 23.96
N LYS D 84 1.47 -8.99 24.01
CA LYS D 84 1.96 -7.85 24.80
C LYS D 84 2.10 -8.22 26.29
N GLU D 85 1.10 -8.91 26.83
CA GLU D 85 1.15 -9.37 28.24
C GLU D 85 2.35 -10.27 28.51
N ILE D 86 2.64 -11.18 27.59
CA ILE D 86 3.82 -12.03 27.72
C ILE D 86 5.12 -11.22 27.61
N LYS D 87 5.19 -10.31 26.64
CA LYS D 87 6.40 -9.52 26.45
C LYS D 87 6.72 -8.67 27.69
N GLN D 88 5.69 -8.15 28.35
CA GLN D 88 5.85 -7.37 29.59
C GLN D 88 6.23 -8.22 30.81
N ALA D 89 5.83 -9.49 30.83
CA ALA D 89 6.07 -10.37 31.98
C ALA D 89 7.49 -10.97 32.07
N VAL D 90 8.32 -10.83 31.04
CA VAL D 90 9.64 -11.46 31.03
C VAL D 90 10.66 -10.53 30.42
N THR D 91 11.92 -10.78 30.70
CA THR D 91 13.03 -10.02 30.12
C THR D 91 13.82 -10.81 29.07
N ILE D 92 13.60 -12.13 28.99
CA ILE D 92 14.18 -12.94 27.92
C ILE D 92 13.46 -12.67 26.58
N PRO D 93 14.10 -13.01 25.43
CA PRO D 93 13.45 -12.82 24.12
C PRO D 93 12.06 -13.48 24.00
N VAL D 94 11.16 -12.81 23.28
CA VAL D 94 9.81 -13.30 23.07
C VAL D 94 9.64 -13.55 21.57
N MET D 95 9.22 -14.76 21.26
CA MET D 95 8.95 -15.18 19.90
C MET D 95 7.46 -15.37 19.83
N ALA D 96 6.92 -15.34 18.62
CA ALA D 96 5.52 -15.70 18.43
C ALA D 96 5.30 -16.32 17.05
N LYS D 97 4.21 -17.08 16.94
CA LYS D 97 3.93 -17.85 15.73
C LYS D 97 3.02 -17.12 14.75
N ALA D 98 3.33 -17.25 13.49
CA ALA D 98 2.47 -16.82 12.39
C ALA D 98 2.23 -18.01 11.49
N ARG D 99 1.08 -18.01 10.84
CA ARG D 99 0.75 -19.07 9.89
C ARG D 99 1.67 -19.00 8.70
N ILE D 100 2.04 -20.16 8.17
CA ILE D 100 2.84 -20.23 6.96
C ILE D 100 2.18 -19.43 5.81
N GLY D 101 2.98 -18.55 5.21
CA GLY D 101 2.55 -17.65 4.15
C GLY D 101 1.74 -16.43 4.60
N HIS D 102 1.44 -16.29 5.87
CA HIS D 102 0.59 -15.18 6.32
C HIS D 102 1.47 -13.99 6.67
N PHE D 103 1.89 -13.29 5.63
CA PHE D 103 2.82 -12.19 5.79
C PHE D 103 2.23 -10.99 6.53
N VAL D 104 0.91 -10.85 6.54
CA VAL D 104 0.29 -9.80 7.35
C VAL D 104 0.28 -10.12 8.85
N GLU D 105 0.03 -11.37 9.22
CA GLU D 105 0.21 -11.78 10.61
C GLU D 105 1.62 -11.44 11.05
N ALA D 106 2.60 -11.67 10.18
CA ALA D 106 4.00 -11.38 10.51
C ALA D 106 4.25 -9.88 10.64
N GLN D 107 3.67 -9.07 9.73
CA GLN D 107 3.75 -7.60 9.84
C GLN D 107 3.24 -7.12 11.21
N ILE D 108 2.12 -7.69 11.64
CA ILE D 108 1.50 -7.33 12.92
C ILE D 108 2.44 -7.70 14.05
N LEU D 109 2.96 -8.92 14.05
CA LEU D 109 3.88 -9.36 15.10
C LEU D 109 5.10 -8.46 15.20
N GLU D 110 5.67 -8.09 14.05
CA GLU D 110 6.84 -7.23 14.03
C GLU D 110 6.51 -5.85 14.60
N ALA D 111 5.34 -5.34 14.26
CA ALA D 111 4.89 -4.04 14.77
C ALA D 111 4.62 -4.06 16.29
N ILE D 112 4.32 -5.22 16.86
CA ILE D 112 4.18 -5.36 18.33
C ILE D 112 5.52 -5.18 19.06
N GLY D 113 6.63 -5.43 18.38
CA GLY D 113 7.96 -5.30 18.95
C GLY D 113 8.50 -6.55 19.63
N ILE D 114 8.13 -7.73 19.14
CA ILE D 114 8.69 -8.97 19.67
C ILE D 114 10.05 -9.21 19.04
N ASP D 115 10.72 -10.27 19.46
CA ASP D 115 12.11 -10.49 19.05
C ASP D 115 12.26 -11.43 17.86
N TYR D 116 11.37 -12.44 17.77
CA TYR D 116 11.40 -13.38 16.63
C TYR D 116 10.00 -13.77 16.20
N ILE D 117 9.87 -14.11 14.92
CA ILE D 117 8.65 -14.70 14.41
C ILE D 117 8.96 -16.14 14.02
N ASP D 118 8.11 -17.05 14.44
CA ASP D 118 8.15 -18.44 14.00
C ASP D 118 7.03 -18.66 12.96
N GLU D 119 7.44 -18.85 11.69
CA GLU D 119 6.51 -19.15 10.63
C GLU D 119 6.25 -20.63 10.78
N SER D 120 5.16 -20.97 11.45
CA SER D 120 5.01 -22.29 12.06
C SER D 120 4.00 -23.22 11.41
N GLU D 121 4.47 -24.41 11.11
CA GLU D 121 3.57 -25.49 10.63
C GLU D 121 2.60 -26.06 11.66
N VAL D 122 2.71 -25.73 12.94
CA VAL D 122 1.67 -26.20 13.87
C VAL D 122 0.39 -25.38 13.77
N LEU D 123 0.52 -24.12 13.33
CA LEU D 123 -0.66 -23.30 13.01
C LEU D 123 -1.21 -23.75 11.66
N THR D 124 -2.43 -23.33 11.34
CA THR D 124 -3.10 -23.75 10.12
C THR D 124 -2.46 -23.03 8.94
N LEU D 125 -1.95 -23.80 7.99
CA LEU D 125 -1.35 -23.27 6.76
C LEU D 125 -2.26 -22.19 6.12
N ALA D 126 -1.71 -21.02 5.80
CA ALA D 126 -2.45 -19.98 5.09
C ALA D 126 -2.14 -19.94 3.59
N ASP D 127 -0.95 -20.37 3.19
CA ASP D 127 -0.55 -20.39 1.78
C ASP D 127 0.12 -21.74 1.54
N GLU D 128 -0.51 -22.59 0.75
CA GLU D 128 0.01 -23.93 0.50
C GLU D 128 1.22 -23.94 -0.41
N ASP D 129 1.40 -22.90 -1.22
CA ASP D 129 2.48 -22.88 -2.21
C ASP D 129 3.68 -21.97 -1.92
N HIS D 130 3.50 -20.99 -1.04
CA HIS D 130 4.53 -19.97 -0.82
C HIS D 130 4.65 -19.67 0.66
N HIS D 131 5.88 -19.59 1.13
CA HIS D 131 6.15 -19.07 2.47
C HIS D 131 6.28 -17.54 2.43
N ILE D 132 6.34 -16.95 3.62
CA ILE D 132 6.62 -15.53 3.77
C ILE D 132 7.98 -15.19 3.18
N ASN D 133 8.04 -14.07 2.47
CA ASN D 133 9.31 -13.50 2.05
C ASN D 133 9.91 -12.79 3.27
N LYS D 134 10.74 -13.52 3.99
CA LYS D 134 11.24 -13.10 5.30
C LYS D 134 12.31 -12.01 5.20
N HIS D 135 12.94 -11.87 4.05
CA HIS D 135 13.87 -10.76 3.80
C HIS D 135 13.20 -9.39 3.83
N ASN D 136 11.88 -9.32 3.72
CA ASN D 136 11.15 -8.04 3.82
C ASN D 136 10.94 -7.55 5.24
N PHE D 137 11.47 -8.28 6.23
CA PHE D 137 11.26 -7.94 7.63
C PHE D 137 12.58 -7.60 8.30
N ARG D 138 12.51 -6.80 9.35
CA ARG D 138 13.69 -6.46 10.15
C ARG D 138 13.94 -7.54 11.21
N ILE D 139 12.85 -8.02 11.79
CA ILE D 139 12.84 -9.07 12.82
C ILE D 139 13.30 -10.44 12.24
N PRO D 140 14.12 -11.19 13.01
CA PRO D 140 14.48 -12.56 12.54
C PRO D 140 13.34 -13.57 12.61
N PHE D 141 13.38 -14.53 11.69
CA PHE D 141 12.39 -15.60 11.65
C PHE D 141 13.04 -16.96 11.96
N VAL D 142 12.25 -17.79 12.62
CA VAL D 142 12.44 -19.24 12.70
C VAL D 142 11.48 -19.92 11.72
N CYS D 143 11.98 -20.92 10.98
CA CYS D 143 11.11 -21.80 10.18
C CYS D 143 11.42 -23.27 10.48
N GLY D 144 10.45 -24.13 10.23
CA GLY D 144 10.57 -25.56 10.41
C GLY D 144 11.21 -26.23 9.20
N CYS D 145 11.73 -27.43 9.41
CA CYS D 145 12.13 -28.28 8.32
C CYS D 145 12.08 -29.75 8.72
N ARG D 146 12.07 -30.61 7.72
CA ARG D 146 12.18 -32.06 7.92
C ARG D 146 13.39 -32.64 7.22
N ASN D 147 14.04 -31.86 6.37
CA ASN D 147 15.20 -32.33 5.63
C ASN D 147 16.04 -31.14 5.22
N LEU D 148 17.24 -31.42 4.71
CA LEU D 148 18.19 -30.37 4.42
C LEU D 148 17.71 -29.44 3.30
N GLY D 149 17.13 -30.00 2.26
CA GLY D 149 16.57 -29.21 1.16
C GLY D 149 15.61 -28.14 1.66
N GLU D 150 14.68 -28.58 2.49
CA GLU D 150 13.69 -27.71 3.06
C GLU D 150 14.32 -26.61 3.94
N ALA D 151 15.29 -26.98 4.77
CA ALA D 151 16.01 -26.00 5.59
C ALA D 151 16.66 -24.92 4.74
N LEU D 152 17.34 -25.34 3.69
CA LEU D 152 18.02 -24.40 2.83
C LEU D 152 17.05 -23.48 2.04
N ARG D 153 15.91 -24.03 1.63
CA ARG D 153 14.86 -23.21 1.01
C ARG D 153 14.34 -22.14 1.98
N ARG D 154 14.09 -22.51 3.24
CA ARG D 154 13.64 -21.56 4.24
C ARG D 154 14.70 -20.48 4.51
N ILE D 155 15.97 -20.87 4.55
CA ILE D 155 17.06 -19.93 4.75
C ILE D 155 17.14 -18.96 3.58
N ARG D 156 17.01 -19.46 2.35
CA ARG D 156 17.05 -18.56 1.20
C ARG D 156 15.91 -17.52 1.19
N GLU D 157 14.75 -17.91 1.68
CA GLU D 157 13.64 -16.99 1.86
C GLU D 157 13.87 -15.96 2.97
N GLY D 158 14.88 -16.21 3.81
CA GLY D 158 15.30 -15.32 4.86
C GLY D 158 15.17 -15.81 6.30
N ALA D 159 14.91 -17.10 6.52
CA ALA D 159 14.91 -17.62 7.88
C ALA D 159 16.29 -17.47 8.50
N ALA D 160 16.35 -16.95 9.72
CA ALA D 160 17.62 -16.77 10.44
C ALA D 160 17.93 -17.93 11.42
N MET D 161 16.99 -18.85 11.53
CA MET D 161 17.08 -19.97 12.44
C MET D 161 16.16 -21.08 11.93
N ILE D 162 16.58 -22.33 12.13
CA ILE D 162 15.81 -23.49 11.68
C ILE D 162 15.44 -24.38 12.86
N ARG D 163 14.20 -24.81 12.84
CA ARG D 163 13.66 -25.76 13.78
C ARG D 163 13.51 -27.07 12.99
N THR D 164 14.27 -28.10 13.35
CA THR D 164 14.12 -29.40 12.71
C THR D 164 13.06 -30.14 13.47
N LYS D 165 11.94 -30.38 12.78
CA LYS D 165 10.68 -30.71 13.41
C LYS D 165 10.24 -32.18 13.23
N GLY D 166 9.85 -32.80 14.33
CA GLY D 166 9.28 -34.14 14.32
C GLY D 166 7.77 -34.05 14.33
N GLU D 167 7.14 -34.82 15.22
CA GLU D 167 5.70 -34.83 15.38
C GLU D 167 5.36 -33.76 16.37
N ALA D 168 4.29 -33.04 16.10
CA ALA D 168 3.78 -32.00 16.98
C ALA D 168 2.69 -32.57 17.85
N GLY D 169 2.84 -32.40 19.16
CA GLY D 169 1.76 -32.68 20.10
C GLY D 169 1.51 -34.13 20.49
N THR D 170 2.50 -35.00 20.31
CA THR D 170 2.37 -36.44 20.61
C THR D 170 3.27 -36.94 21.74
N GLY D 171 4.30 -36.19 22.10
CA GLY D 171 5.28 -36.64 23.07
C GLY D 171 6.15 -37.78 22.58
N ASN D 172 6.16 -38.02 21.26
CA ASN D 172 6.94 -39.10 20.68
C ASN D 172 8.09 -38.49 19.89
N ILE D 173 9.31 -38.76 20.33
CA ILE D 173 10.52 -38.18 19.78
C ILE D 173 10.98 -38.79 18.44
N ILE D 174 10.32 -39.85 17.98
CA ILE D 174 10.78 -40.62 16.81
C ILE D 174 11.02 -39.81 15.53
N GLU D 175 10.09 -38.92 15.19
CA GLU D 175 10.22 -38.18 13.95
C GLU D 175 11.26 -37.08 14.06
N ALA D 176 11.39 -36.48 15.25
CA ALA D 176 12.48 -35.52 15.50
C ALA D 176 13.83 -36.18 15.32
N VAL D 177 13.99 -37.38 15.85
CA VAL D 177 15.24 -38.13 15.64
C VAL D 177 15.46 -38.35 14.14
N ARG D 178 14.41 -38.79 13.45
CA ARG D 178 14.51 -39.09 12.02
C ARG D 178 14.95 -37.86 11.25
N HIS D 179 14.34 -36.72 11.55
CA HIS D 179 14.62 -35.49 10.80
C HIS D 179 15.95 -34.85 11.17
N VAL D 180 16.34 -34.90 12.45
CA VAL D 180 17.68 -34.46 12.84
C VAL D 180 18.74 -35.32 12.16
N ARG D 181 18.57 -36.64 12.20
CA ARG D 181 19.54 -37.52 11.52
C ARG D 181 19.56 -37.30 10.01
N SER D 182 18.42 -36.99 9.42
CA SER D 182 18.37 -36.72 7.98
C SER D 182 19.16 -35.44 7.62
N VAL D 183 18.86 -34.35 8.31
CA VAL D 183 19.56 -33.07 8.06
C VAL D 183 21.05 -33.20 8.31
N ASN D 184 21.42 -33.70 9.49
CA ASN D 184 22.83 -33.82 9.83
C ASN D 184 23.56 -34.83 8.96
N GLY D 185 22.88 -35.92 8.60
CA GLY D 185 23.43 -36.93 7.73
C GLY D 185 23.77 -36.38 6.34
N ASP D 186 22.85 -35.59 5.77
CA ASP D 186 23.07 -34.98 4.47
C ASP D 186 24.18 -33.91 4.53
N ILE D 187 24.28 -33.18 5.62
CA ILE D 187 25.39 -32.26 5.81
C ILE D 187 26.72 -33.00 5.80
N ARG D 188 26.79 -34.13 6.50
CA ARG D 188 28.02 -34.93 6.51
C ARG D 188 28.40 -35.50 5.15
N VAL D 189 27.38 -35.92 4.40
CA VAL D 189 27.61 -36.44 3.03
C VAL D 189 28.22 -35.30 2.19
N LEU D 190 27.67 -34.12 2.38
CA LEU D 190 28.03 -32.99 1.57
C LEU D 190 29.49 -32.60 1.79
N ARG D 191 29.98 -32.67 3.02
N ARG D 191 30.01 -32.69 3.01
CA ARG D 191 31.35 -32.23 3.34
CA ARG D 191 31.37 -32.26 3.36
C ARG D 191 32.46 -32.89 2.52
C ARG D 191 32.50 -32.91 2.55
N ASN D 192 32.33 -34.18 2.26
CA ASN D 192 33.32 -34.98 1.55
C ASN D 192 32.99 -35.17 0.06
N MET D 193 31.88 -34.59 -0.40
CA MET D 193 31.39 -34.89 -1.73
C MET D 193 32.32 -34.29 -2.78
N ASP D 194 32.54 -35.03 -3.87
CA ASP D 194 33.22 -34.47 -5.06
C ASP D 194 32.53 -33.16 -5.46
N ASP D 195 33.29 -32.05 -5.55
CA ASP D 195 32.70 -30.73 -5.91
C ASP D 195 31.86 -30.78 -7.19
N ASP D 196 32.28 -31.59 -8.15
CA ASP D 196 31.58 -31.67 -9.42
C ASP D 196 30.17 -32.29 -9.31
N GLU D 197 29.93 -33.04 -8.22
CA GLU D 197 28.66 -33.70 -7.98
C GLU D 197 27.70 -32.82 -7.18
N VAL D 198 28.18 -31.69 -6.66
CA VAL D 198 27.35 -30.85 -5.81
C VAL D 198 26.20 -30.18 -6.61
N PHE D 199 26.40 -29.91 -7.89
CA PHE D 199 25.33 -29.30 -8.70
C PHE D 199 24.10 -30.20 -8.73
N THR D 200 24.33 -31.47 -9.03
CA THR D 200 23.26 -32.46 -9.06
C THR D 200 22.66 -32.68 -7.68
N PHE D 201 23.49 -32.64 -6.64
CA PHE D 201 22.99 -32.78 -5.27
C PHE D 201 22.04 -31.64 -4.93
N ALA D 202 22.38 -30.41 -5.32
CA ALA D 202 21.52 -29.26 -5.15
C ALA D 202 20.19 -29.40 -5.90
N LYS D 203 20.26 -29.87 -7.14
CA LYS D 203 19.05 -30.17 -7.90
C LYS D 203 18.16 -31.19 -7.17
N LYS D 204 18.75 -32.28 -6.69
CA LYS D 204 17.99 -33.34 -6.00
C LYS D 204 17.41 -32.90 -4.66
N LEU D 205 18.11 -32.02 -3.94
CA LEU D 205 17.54 -31.35 -2.76
C LEU D 205 16.49 -30.28 -3.09
N ALA D 206 16.43 -29.85 -4.35
CA ALA D 206 15.69 -28.66 -4.78
C ALA D 206 16.06 -27.45 -3.90
N ALA D 207 17.37 -27.25 -3.73
CA ALA D 207 17.90 -26.23 -2.82
C ALA D 207 18.84 -25.34 -3.60
N PRO D 208 18.98 -24.06 -3.18
CA PRO D 208 19.90 -23.17 -3.89
C PRO D 208 21.34 -23.60 -3.75
N TYR D 209 22.01 -23.66 -4.90
CA TYR D 209 23.37 -24.15 -4.95
C TYR D 209 24.31 -23.39 -4.01
N ASP D 210 24.20 -22.06 -3.96
CA ASP D 210 25.11 -21.26 -3.14
C ASP D 210 25.00 -21.64 -1.67
N LEU D 211 23.79 -21.88 -1.18
CA LEU D 211 23.59 -22.31 0.20
C LEU D 211 24.07 -23.73 0.45
N VAL D 212 23.92 -24.62 -0.54
CA VAL D 212 24.48 -25.97 -0.45
C VAL D 212 26.03 -25.90 -0.30
N MET D 213 26.67 -25.10 -1.14
CA MET D 213 28.12 -24.87 -1.04
C MET D 213 28.57 -24.23 0.26
N GLN D 214 27.79 -23.28 0.74
CA GLN D 214 28.09 -22.68 2.05
C GLN D 214 28.01 -23.71 3.18
N THR D 215 27.01 -24.57 3.13
CA THR D 215 26.87 -25.67 4.09
C THR D 215 28.04 -26.64 4.01
N LYS D 216 28.48 -26.94 2.79
CA LYS D 216 29.63 -27.81 2.57
C LYS D 216 30.88 -27.20 3.21
N GLN D 217 31.11 -25.91 2.97
CA GLN D 217 32.30 -25.23 3.53
C GLN D 217 32.29 -25.09 5.04
N LEU D 218 31.13 -24.78 5.62
CA LEU D 218 31.00 -24.71 7.07
C LEU D 218 31.01 -26.07 7.77
N GLY D 219 30.54 -27.11 7.09
CA GLY D 219 30.33 -28.40 7.71
C GLY D 219 29.21 -28.43 8.72
N ARG D 220 28.29 -27.45 8.62
CA ARG D 220 27.09 -27.41 9.45
C ARG D 220 26.07 -26.48 8.80
N LEU D 221 24.88 -26.41 9.37
CA LEU D 221 23.83 -25.55 8.80
C LEU D 221 24.28 -24.08 8.95
N PRO D 222 24.05 -23.23 7.93
CA PRO D 222 24.51 -21.83 8.02
C PRO D 222 23.80 -20.96 9.04
N VAL D 223 22.79 -21.50 9.71
CA VAL D 223 22.12 -20.81 10.78
C VAL D 223 21.98 -21.78 11.93
N VAL D 224 21.59 -21.23 13.08
CA VAL D 224 21.27 -22.01 14.26
C VAL D 224 20.17 -23.06 13.95
N GLN D 225 20.37 -24.30 14.43
CA GLN D 225 19.44 -25.42 14.24
C GLN D 225 19.00 -26.00 15.58
N PHE D 226 17.72 -25.85 15.90
CA PHE D 226 17.13 -26.42 17.12
C PHE D 226 16.27 -27.62 16.75
N ALA D 227 16.11 -28.55 17.68
CA ALA D 227 15.20 -29.68 17.51
C ALA D 227 13.87 -29.30 18.10
N ALA D 228 12.80 -29.87 17.56
CA ALA D 228 11.47 -29.71 18.10
C ALA D 228 10.61 -30.88 17.75
N GLY D 229 9.63 -31.17 18.61
CA GLY D 229 8.62 -32.17 18.33
C GLY D 229 8.80 -33.44 19.14
N GLY D 230 8.01 -33.53 20.19
CA GLY D 230 7.96 -34.72 21.01
C GLY D 230 8.96 -34.77 22.16
N VAL D 231 9.64 -33.65 22.44
CA VAL D 231 10.59 -33.60 23.56
C VAL D 231 9.75 -33.60 24.85
N ALA D 232 9.71 -34.73 25.53
CA ALA D 232 8.87 -34.92 26.71
C ALA D 232 9.65 -35.08 28.01
N THR D 233 10.90 -35.55 27.90
CA THR D 233 11.72 -35.84 29.06
C THR D 233 13.10 -35.18 28.95
N PRO D 234 13.79 -35.04 30.10
CA PRO D 234 15.20 -34.61 30.05
C PRO D 234 16.06 -35.47 29.12
N ALA D 235 15.85 -36.78 29.13
CA ALA D 235 16.57 -37.68 28.24
C ALA D 235 16.38 -37.32 26.76
N ASP D 236 15.14 -37.00 26.38
CA ASP D 236 14.84 -36.60 24.99
C ASP D 236 15.62 -35.35 24.60
N ALA D 237 15.63 -34.36 25.49
CA ALA D 237 16.32 -33.11 25.23
C ALA D 237 17.81 -33.32 25.05
N ALA D 238 18.41 -34.10 25.95
CA ALA D 238 19.84 -34.35 25.86
C ALA D 238 20.19 -35.17 24.61
N LEU D 239 19.30 -36.09 24.23
CA LEU D 239 19.47 -36.86 23.00
C LEU D 239 19.61 -35.93 21.79
N MET D 240 18.74 -34.93 21.70
CA MET D 240 18.78 -33.98 20.57
C MET D 240 20.11 -33.24 20.54
N MET D 241 20.60 -32.86 21.72
CA MET D 241 21.90 -32.19 21.80
C MET D 241 23.03 -33.12 21.43
N GLN D 242 22.98 -34.39 21.86
CA GLN D 242 24.05 -35.34 21.47
C GLN D 242 24.02 -35.67 19.98
N LEU D 243 22.86 -35.55 19.35
CA LEU D 243 22.76 -35.68 17.87
C LEU D 243 23.23 -34.45 17.09
N GLY D 244 23.62 -33.37 17.78
CA GLY D 244 24.26 -32.22 17.15
C GLY D 244 23.41 -30.95 17.04
N CYS D 245 22.21 -30.91 17.63
CA CYS D 245 21.39 -29.69 17.62
C CYS D 245 21.99 -28.58 18.52
N ASP D 246 21.60 -27.34 18.25
CA ASP D 246 22.11 -26.18 19.00
C ASP D 246 21.22 -25.85 20.19
N GLY D 247 20.06 -26.48 20.28
CA GLY D 247 19.08 -26.23 21.34
C GLY D 247 17.78 -26.92 21.00
N VAL D 248 16.77 -26.77 21.86
CA VAL D 248 15.50 -27.46 21.67
C VAL D 248 14.33 -26.55 21.95
N PHE D 249 13.24 -26.78 21.23
CA PHE D 249 11.92 -26.26 21.57
C PHE D 249 11.17 -27.33 22.35
N VAL D 250 10.43 -26.89 23.36
CA VAL D 250 9.50 -27.74 24.05
C VAL D 250 8.16 -27.01 24.05
N GLY D 251 7.12 -27.69 23.59
CA GLY D 251 5.79 -27.11 23.53
C GLY D 251 4.94 -27.76 24.58
N SER D 252 4.48 -28.95 24.20
CA SER D 252 3.50 -29.68 24.98
C SER D 252 4.11 -30.36 26.20
N GLY D 253 5.34 -30.86 26.05
CA GLY D 253 6.00 -31.70 27.06
C GLY D 253 6.11 -31.11 28.46
N ILE D 254 6.16 -29.78 28.57
CA ILE D 254 6.18 -29.11 29.87
C ILE D 254 4.77 -28.91 30.36
N PHE D 255 3.97 -28.16 29.60
CA PHE D 255 2.66 -27.72 30.08
C PHE D 255 1.51 -28.73 29.97
N LYS D 256 1.75 -29.88 29.33
CA LYS D 256 0.86 -31.04 29.42
C LYS D 256 1.37 -32.10 30.42
N SER D 257 2.39 -31.77 31.23
CA SER D 257 2.90 -32.69 32.26
C SER D 257 2.30 -32.38 33.64
N GLY D 258 2.58 -33.28 34.58
CA GLY D 258 2.12 -33.17 35.96
C GLY D 258 2.74 -32.02 36.75
N ASP D 259 4.04 -31.76 36.57
CA ASP D 259 4.70 -30.62 37.24
C ASP D 259 5.50 -29.82 36.23
N PRO D 260 4.84 -28.84 35.58
CA PRO D 260 5.51 -28.01 34.56
C PRO D 260 6.81 -27.32 35.02
N ALA D 261 6.82 -26.70 36.20
CA ALA D 261 7.98 -25.90 36.63
C ALA D 261 9.23 -26.75 36.88
N ARG D 262 9.05 -27.86 37.58
CA ARG D 262 10.18 -28.76 37.84
C ARG D 262 10.66 -29.41 36.55
N ARG D 263 9.72 -29.83 35.69
CA ARG D 263 10.09 -30.45 34.41
C ARG D 263 10.83 -29.46 33.53
N ALA D 264 10.35 -28.21 33.51
CA ALA D 264 10.98 -27.15 32.73
C ALA D 264 12.42 -26.96 33.12
N ARG D 265 12.66 -26.90 34.42
CA ARG D 265 14.01 -26.76 34.94
C ARG D 265 14.90 -27.96 34.57
N ALA D 266 14.36 -29.16 34.74
CA ALA D 266 15.07 -30.40 34.41
C ALA D 266 15.51 -30.43 32.95
N ILE D 267 14.63 -30.00 32.05
CA ILE D 267 14.95 -29.96 30.61
C ILE D 267 16.03 -28.93 30.32
N VAL D 268 15.93 -27.74 30.93
CA VAL D 268 16.99 -26.73 30.78
C VAL D 268 18.37 -27.28 31.21
N GLN D 269 18.38 -27.95 32.35
CA GLN D 269 19.63 -28.52 32.86
C GLN D 269 20.15 -29.63 31.97
N ALA D 270 19.22 -30.44 31.43
CA ALA D 270 19.59 -31.52 30.53
C ALA D 270 20.26 -30.99 29.29
N VAL D 271 19.74 -29.88 28.75
CA VAL D 271 20.37 -29.27 27.58
C VAL D 271 21.73 -28.65 27.90
N THR D 272 21.83 -27.96 29.03
CA THR D 272 23.13 -27.43 29.48
C THR D 272 24.17 -28.54 29.77
N HIS D 273 23.73 -29.65 30.34
CA HIS D 273 24.64 -30.71 30.80
C HIS D 273 24.40 -32.01 30.03
N TYR D 274 24.24 -31.88 28.72
CA TYR D 274 23.75 -33.00 27.89
C TYR D 274 24.69 -34.21 27.84
N SER D 275 25.98 -34.00 28.05
CA SER D 275 26.96 -35.10 28.02
C SER D 275 27.35 -35.61 29.43
N ASP D 276 26.54 -35.30 30.45
CA ASP D 276 26.86 -35.66 31.84
C ASP D 276 25.78 -36.57 32.41
N PRO D 277 25.97 -37.90 32.27
CA PRO D 277 24.90 -38.82 32.67
C PRO D 277 24.52 -38.74 34.15
N GLU D 278 25.48 -38.44 35.01
CA GLU D 278 25.19 -38.28 36.43
CA GLU D 278 25.22 -38.28 36.44
C GLU D 278 24.21 -37.15 36.67
N MET D 279 24.43 -36.03 36.01
CA MET D 279 23.51 -34.91 36.08
C MET D 279 22.15 -35.28 35.48
N LEU D 280 22.16 -36.01 34.36
CA LEU D 280 20.89 -36.41 33.73
C LEU D 280 20.05 -37.30 34.63
N VAL D 281 20.70 -38.20 35.39
CA VAL D 281 20.00 -39.02 36.40
C VAL D 281 19.34 -38.12 37.43
N GLU D 282 20.12 -37.19 37.99
CA GLU D 282 19.63 -36.32 39.06
C GLU D 282 18.40 -35.53 38.63
N VAL D 283 18.46 -34.89 37.47
CA VAL D 283 17.33 -34.04 37.04
C VAL D 283 16.12 -34.88 36.63
N SER D 284 16.34 -36.12 36.20
CA SER D 284 15.23 -36.99 35.79
C SER D 284 14.57 -37.66 36.97
N CYS D 285 15.27 -37.70 38.10
CA CYS D 285 14.82 -38.50 39.24
C CYS D 285 13.65 -37.82 39.94
N GLY D 286 12.54 -38.54 40.07
CA GLY D 286 11.35 -38.06 40.75
C GLY D 286 10.75 -36.82 40.13
N LEU D 287 10.59 -36.83 38.81
CA LEU D 287 9.78 -35.82 38.13
C LEU D 287 8.38 -36.44 38.23
N GLY D 288 7.33 -35.68 38.01
CA GLY D 288 5.99 -36.24 38.09
C GLY D 288 5.68 -36.97 36.80
N GLU D 289 4.40 -37.02 36.46
CA GLU D 289 3.96 -37.69 35.25
C GLU D 289 4.37 -36.87 34.03
N ALA D 290 5.06 -37.51 33.10
CA ALA D 290 5.34 -36.92 31.79
C ALA D 290 4.01 -36.81 31.03
N MET D 291 3.97 -36.01 29.96
CA MET D 291 2.77 -36.03 29.09
C MET D 291 2.63 -37.47 28.53
N VAL D 292 1.43 -38.04 28.62
CA VAL D 292 1.20 -39.43 28.19
C VAL D 292 1.38 -39.53 26.67
N GLY D 293 0.79 -38.56 25.96
CA GLY D 293 0.97 -38.43 24.54
C GLY D 293 0.29 -39.56 23.78
N ILE D 294 0.69 -39.74 22.52
CA ILE D 294 0.01 -40.68 21.63
C ILE D 294 1.04 -41.32 20.69
N ASN D 295 0.98 -42.65 20.58
CA ASN D 295 1.76 -43.38 19.60
C ASN D 295 0.92 -43.50 18.31
N LEU D 296 1.30 -42.75 17.27
CA LEU D 296 0.58 -42.76 15.98
C LEU D 296 0.73 -44.04 15.10
N ASN D 297 1.67 -44.94 15.43
CA ASN D 297 1.95 -46.12 14.57
C ASN D 297 0.89 -47.23 14.69
#